data_7TAD
#
_entry.id   7TAD
#
_cell.length_a   1.00
_cell.length_b   1.00
_cell.length_c   1.00
_cell.angle_alpha   90.00
_cell.angle_beta   90.00
_cell.angle_gamma   90.00
#
_symmetry.space_group_name_H-M   'P 1'
#
loop_
_entity.id
_entity.type
_entity.pdbx_description
1 polymer 'Regulatory protein NPR1'
2 polymer 'Transcription factor TGA3'
3 non-polymer 'ZINC ION'
4 non-polymer 'PALMITIC ACID'
#
loop_
_entity_poly.entity_id
_entity_poly.type
_entity_poly.pdbx_seq_one_letter_code
_entity_poly.pdbx_strand_id
1 'polypeptide(L)'
;GPAVPRMDTTIDGFADSYEISSTSFVATDNTDSSIVYLAAEQVLTGPDVSALQLLSNSFESVFDSPDDFYSDAKLVLSDG
REVSFHRCVLSARSSFFKSALAAAKKEKDSNNTAAVKLELKEIAKDYEVGFDSVVTVLAYVYSSRVRPPPKGVSECADEN
CCHVACRPAVDFMLEVLYLAFIFKIPELITLYQRHLLDVVDKVVIEDTLVILKLANICGKACMKLLDRCKEIIVKSNVDM
VSLEKSLPEELVKEIIDRRKELGLEVPKVKKHVSNVHKALDSDDIELVKLLLKEDHTNLDDACALHFAVAYCNVKTATDL
LKLDLADVNHRNPRGYTVLHVAAMRKEPQLILSLLEKGASASEATLEGRTALMIAKQATMAVECNNIPEQCKHSLKGRLC
VEILEQEDKREQIPRDVPPSFAVAADELKMTLLDLENRVALAQRLFPTEAQAAMEIAEMKGTCEFIVTSLEPDRLTGTKR
TSPGVKIAPFRILEEHQSRLKALSKTVELGKRFFPRCSAVLDQIMNCEDLTQLACGEDDTAEKRLQKKQRYMEIQETLKK
AFSEDNLELGNSSLTDSTSSTSKSTGGKRSNRKLSHRRRGGWSHPQFER
;
A,B
2 'polypeptide(L)'
;GPANNDQDEDRINDKMKRRLAQNREAARKSRLRKKAHVQQLEESRLKLSQLEQELVRARQQGLCVRNSSDTSYLGPAGNM
NSGIAAFEMEYTHWLEEQNRRVSEIRTALQAHIGDIELKMLVDSCLNHYANLFRMKADAAKADVFFLMSGMWRTSTERFF
QWIGGFRPSELLNVVMPYVEPLTDQQLLEVRNLQQSSQQAEEALSQGLDKLQQGLVESIAIQIKVVESVNHGAPMASAME
NLQALESFVNQADHLRQQTLQQMSKILTTRQAARGLLALGEYFHRLRALSSLWAARPREHTGGDYKDDDDKSSGYPYDVP
DYA
;
C,D
#
loop_
_chem_comp.id
_chem_comp.type
_chem_comp.name
_chem_comp.formula
PLM non-polymer 'PALMITIC ACID' 'C16 H32 O2'
ZN non-polymer 'ZINC ION' 'Zn 2'
#
# COMPACT_ATOMS: atom_id res chain seq x y z
N PRO A 47 39.52 -3.76 -9.83
CA PRO A 47 38.98 -2.59 -9.14
C PRO A 47 40.05 -1.77 -8.41
N ASP A 48 39.86 -0.45 -8.37
CA ASP A 48 40.76 0.43 -7.64
C ASP A 48 40.06 0.84 -6.34
N VAL A 49 40.63 0.39 -5.22
CA VAL A 49 39.96 0.56 -3.93
C VAL A 49 40.03 2.01 -3.46
N SER A 50 41.10 2.72 -3.83
CA SER A 50 41.28 4.09 -3.35
C SER A 50 40.15 5.00 -3.82
N ALA A 51 39.81 4.96 -5.11
CA ALA A 51 38.74 5.81 -5.61
C ALA A 51 37.41 5.45 -4.97
N LEU A 52 37.20 4.16 -4.72
CA LEU A 52 35.97 3.73 -4.05
C LEU A 52 35.90 4.29 -2.64
N GLN A 53 37.03 4.27 -1.91
CA GLN A 53 37.01 4.81 -0.55
C GLN A 53 36.83 6.33 -0.54
N LEU A 54 37.37 7.04 -1.53
CA LEU A 54 37.09 8.47 -1.63
C LEU A 54 35.61 8.72 -1.92
N LEU A 55 35.01 7.92 -2.80
CA LEU A 55 33.57 8.03 -3.04
C LEU A 55 32.78 7.80 -1.76
N SER A 56 33.16 6.77 -0.99
CA SER A 56 32.48 6.47 0.26
C SER A 56 32.64 7.62 1.26
N ASN A 57 33.84 8.20 1.35
CA ASN A 57 34.05 9.32 2.26
C ASN A 57 33.23 10.54 1.85
N SER A 58 33.14 10.80 0.54
CA SER A 58 32.34 11.91 0.06
C SER A 58 30.88 11.71 0.42
N PHE A 59 30.39 10.48 0.27
CA PHE A 59 28.99 10.22 0.59
C PHE A 59 28.75 10.24 2.09
N GLU A 60 29.75 9.87 2.89
CA GLU A 60 29.63 10.02 4.34
C GLU A 60 29.55 11.48 4.74
N SER A 61 30.34 12.33 4.08
CA SER A 61 30.23 13.77 4.31
C SER A 61 28.88 14.30 3.86
N VAL A 62 28.32 13.73 2.79
CA VAL A 62 26.97 14.10 2.36
C VAL A 62 25.95 13.75 3.44
N PHE A 63 26.01 12.52 3.96
CA PHE A 63 25.05 12.09 4.97
C PHE A 63 25.21 12.90 6.26
N ASP A 64 26.45 13.24 6.62
CA ASP A 64 26.67 13.94 7.88
C ASP A 64 26.06 15.33 7.88
N SER A 65 26.03 16.00 6.73
CA SER A 65 25.43 17.32 6.59
C SER A 65 24.60 17.34 5.31
N PRO A 66 23.40 16.75 5.35
CA PRO A 66 22.62 16.64 4.10
C PRO A 66 22.09 17.97 3.59
N ASP A 67 22.00 19.00 4.45
CA ASP A 67 21.53 20.29 3.98
C ASP A 67 22.56 21.00 3.13
N ASP A 68 23.83 20.68 3.30
CA ASP A 68 24.91 21.27 2.51
C ASP A 68 25.10 20.58 1.16
N PHE A 69 24.32 19.55 0.85
CA PHE A 69 24.44 18.83 -0.41
C PHE A 69 23.08 18.63 -1.07
N TYR A 70 22.25 19.68 -1.05
CA TYR A 70 20.95 19.73 -1.71
C TYR A 70 20.06 18.53 -1.36
N SER A 71 19.78 18.37 -0.07
CA SER A 71 18.88 17.33 0.38
C SER A 71 17.46 17.66 -0.07
N ASP A 72 16.78 16.67 -0.65
CA ASP A 72 15.47 16.89 -1.26
C ASP A 72 14.35 16.01 -0.69
N ALA A 73 14.57 15.34 0.44
CA ALA A 73 13.51 14.52 1.02
C ALA A 73 13.72 14.41 2.52
N LYS A 74 12.64 14.05 3.22
CA LYS A 74 12.68 13.96 4.67
C LYS A 74 11.94 12.72 5.15
N LEU A 75 12.51 12.05 6.16
CA LEU A 75 11.91 10.88 6.80
C LEU A 75 11.58 11.23 8.24
N VAL A 76 10.29 11.24 8.58
CA VAL A 76 9.82 11.63 9.91
C VAL A 76 9.54 10.38 10.74
N LEU A 77 10.07 10.33 11.96
CA LEU A 77 9.90 9.18 12.83
C LEU A 77 8.58 9.28 13.61
N SER A 78 8.35 8.27 14.46
CA SER A 78 7.17 8.22 15.30
C SER A 78 7.27 9.13 16.53
N ASP A 79 8.48 9.48 16.94
CA ASP A 79 8.67 10.32 18.12
C ASP A 79 8.40 11.79 17.81
N GLY A 80 8.82 12.26 16.65
CA GLY A 80 8.69 13.66 16.29
C GLY A 80 9.93 14.12 15.56
N ARG A 81 11.02 13.38 15.77
CA ARG A 81 12.27 13.69 15.11
C ARG A 81 12.18 13.42 13.61
N GLU A 82 13.13 13.99 12.87
CA GLU A 82 13.15 13.91 11.42
C GLU A 82 14.59 13.81 10.93
N VAL A 83 14.76 13.11 9.81
CA VAL A 83 16.07 12.93 9.18
C VAL A 83 15.99 13.40 7.74
N SER A 84 16.94 14.25 7.34
CA SER A 84 17.01 14.70 5.96
C SER A 84 17.78 13.68 5.13
N PHE A 85 17.32 13.44 3.91
CA PHE A 85 17.97 12.48 3.02
C PHE A 85 17.71 12.88 1.57
N HIS A 86 18.49 12.30 0.67
CA HIS A 86 18.39 12.57 -0.75
C HIS A 86 17.53 11.50 -1.45
N ARG A 87 16.79 11.94 -2.47
CA ARG A 87 15.86 11.05 -3.16
C ARG A 87 16.59 10.10 -4.12
N CYS A 88 17.65 10.58 -4.77
CA CYS A 88 18.34 9.75 -5.76
C CYS A 88 19.05 8.59 -5.09
N VAL A 89 19.77 8.86 -3.99
CA VAL A 89 20.56 7.84 -3.33
C VAL A 89 19.69 6.69 -2.85
N LEU A 90 18.59 7.02 -2.15
CA LEU A 90 17.72 5.97 -1.63
C LEU A 90 16.81 5.37 -2.69
N SER A 91 16.54 6.09 -3.78
CA SER A 91 15.84 5.49 -4.91
C SER A 91 16.72 4.50 -5.65
N ALA A 92 18.05 4.66 -5.57
CA ALA A 92 18.96 3.73 -6.20
C ALA A 92 19.30 2.54 -5.29
N ARG A 93 19.54 2.78 -4.00
CA ARG A 93 20.00 1.73 -3.12
C ARG A 93 18.88 0.77 -2.73
N SER A 94 17.63 1.25 -2.66
CA SER A 94 16.51 0.44 -2.21
C SER A 94 15.34 0.57 -3.17
N SER A 95 14.69 -0.56 -3.45
CA SER A 95 13.52 -0.56 -4.32
C SER A 95 12.29 0.02 -3.61
N PHE A 96 12.18 -0.22 -2.30
CA PHE A 96 11.05 0.29 -1.55
C PHE A 96 10.96 1.82 -1.64
N PHE A 97 12.08 2.50 -1.45
CA PHE A 97 12.05 3.96 -1.53
C PHE A 97 11.82 4.43 -2.96
N LYS A 98 12.32 3.71 -3.95
CA LYS A 98 12.03 4.07 -5.34
C LYS A 98 10.53 4.05 -5.59
N SER A 99 9.87 2.95 -5.18
CA SER A 99 8.42 2.85 -5.37
C SER A 99 7.67 3.90 -4.57
N ALA A 100 8.06 4.14 -3.32
CA ALA A 100 7.36 5.11 -2.48
C ALA A 100 7.48 6.52 -3.04
N LEU A 101 8.68 6.91 -3.50
CA LEU A 101 8.84 8.24 -4.04
C LEU A 101 8.15 8.39 -5.39
N ALA A 102 8.20 7.34 -6.22
CA ALA A 102 7.48 7.41 -7.49
C ALA A 102 5.98 7.48 -7.29
N ALA A 103 5.46 6.86 -6.22
CA ALA A 103 4.03 6.97 -5.93
C ALA A 103 3.69 8.33 -5.34
N ALA A 104 4.59 8.90 -4.53
CA ALA A 104 4.34 10.20 -3.94
C ALA A 104 4.43 11.33 -4.97
N LYS A 105 5.28 11.16 -5.98
CA LYS A 105 5.41 12.19 -7.02
C LYS A 105 4.22 12.22 -7.95
N LYS A 106 3.39 11.18 -7.96
CA LYS A 106 2.24 11.12 -8.85
C LYS A 106 1.10 11.99 -8.32
N ALA A 115 10.90 19.27 -1.67
CA ALA A 115 10.25 19.13 -0.37
C ALA A 115 9.28 17.97 -0.36
N VAL A 116 9.78 16.79 0.02
CA VAL A 116 8.97 15.58 0.10
C VAL A 116 9.14 14.98 1.49
N LYS A 117 8.03 14.73 2.16
CA LYS A 117 8.02 14.19 3.51
C LYS A 117 7.44 12.79 3.51
N LEU A 118 8.09 11.86 4.20
CA LEU A 118 7.62 10.49 4.30
C LEU A 118 7.51 10.11 5.78
N GLU A 119 6.31 9.71 6.19
CA GLU A 119 6.04 9.32 7.56
C GLU A 119 6.37 7.84 7.73
N LEU A 120 7.35 7.54 8.57
CA LEU A 120 7.73 6.14 8.81
C LEU A 120 6.59 5.35 9.44
N LYS A 121 5.72 6.00 10.20
CA LYS A 121 4.59 5.29 10.82
C LYS A 121 3.56 4.80 9.81
N GLU A 122 3.59 5.27 8.57
CA GLU A 122 2.63 4.80 7.59
C GLU A 122 3.17 3.65 6.74
N ILE A 123 4.42 3.75 6.28
CA ILE A 123 4.97 2.68 5.46
C ILE A 123 5.28 1.45 6.31
N ALA A 124 6.05 1.63 7.39
CA ALA A 124 6.30 0.55 8.34
C ALA A 124 5.41 0.82 9.55
N LYS A 125 4.30 0.10 9.65
CA LYS A 125 3.28 0.38 10.64
C LYS A 125 3.20 -0.64 11.76
N ASP A 126 3.75 -1.83 11.56
CA ASP A 126 3.59 -2.94 12.49
C ASP A 126 4.74 -3.08 13.49
N TYR A 127 5.65 -2.11 13.56
CA TYR A 127 6.76 -2.19 14.52
C TYR A 127 7.36 -0.80 14.68
N GLU A 128 7.39 -0.32 15.92
CA GLU A 128 7.95 0.99 16.25
C GLU A 128 9.48 0.90 16.29
N VAL A 129 10.13 1.49 15.29
CA VAL A 129 11.59 1.51 15.20
C VAL A 129 12.11 2.80 15.81
N GLY A 130 13.29 2.73 16.41
CA GLY A 130 13.90 3.90 17.04
C GLY A 130 14.55 4.83 16.03
N PHE A 131 15.34 5.76 16.57
CA PHE A 131 16.04 6.77 15.77
C PHE A 131 17.43 6.31 15.36
N ASP A 132 18.17 5.69 16.28
CA ASP A 132 19.53 5.26 15.97
C ASP A 132 19.54 4.14 14.95
N SER A 133 18.49 3.30 14.94
CA SER A 133 18.38 2.27 13.90
C SER A 133 18.21 2.90 12.52
N VAL A 134 17.37 3.93 12.42
CA VAL A 134 17.22 4.64 11.16
C VAL A 134 18.52 5.30 10.75
N VAL A 135 19.24 5.88 11.72
CA VAL A 135 20.52 6.52 11.40
C VAL A 135 21.52 5.49 10.87
N THR A 136 21.58 4.31 11.51
CA THR A 136 22.51 3.29 11.05
C THR A 136 22.15 2.79 9.65
N VAL A 137 20.86 2.53 9.41
CA VAL A 137 20.44 2.05 8.10
C VAL A 137 20.74 3.09 7.02
N LEU A 138 20.45 4.36 7.30
CA LEU A 138 20.72 5.39 6.31
C LEU A 138 22.21 5.61 6.09
N ALA A 139 23.02 5.44 7.15
CA ALA A 139 24.47 5.53 6.98
C ALA A 139 24.98 4.41 6.10
N TYR A 140 24.43 3.21 6.25
CA TYR A 140 24.80 2.13 5.34
C TYR A 140 24.32 2.40 3.93
N VAL A 141 23.14 3.01 3.79
CA VAL A 141 22.63 3.37 2.47
C VAL A 141 23.57 4.34 1.76
N TYR A 142 24.05 5.35 2.50
CA TYR A 142 24.87 6.38 1.90
C TYR A 142 26.33 5.98 1.71
N SER A 143 26.90 5.17 2.61
CA SER A 143 28.31 4.84 2.51
C SER A 143 28.63 3.35 2.50
N SER A 144 27.64 2.47 2.58
CA SER A 144 27.88 1.03 2.66
C SER A 144 28.76 0.66 3.86
N ARG A 145 28.68 1.46 4.93
CA ARG A 145 29.49 1.24 6.12
C ARG A 145 28.58 1.20 7.34
N VAL A 146 28.70 0.13 8.13
CA VAL A 146 27.90 -0.07 9.33
C VAL A 146 28.35 0.84 10.47
N ARG A 147 27.57 1.87 10.74
CA ARG A 147 27.91 2.81 11.81
C ARG A 147 27.47 2.23 13.16
N PRO A 148 28.36 2.16 14.14
CA PRO A 148 27.99 1.61 15.46
C PRO A 148 27.04 2.52 16.20
N PRO A 149 26.28 1.97 17.15
CA PRO A 149 25.29 2.78 17.87
C PRO A 149 25.93 3.53 19.02
N PRO A 150 25.34 4.66 19.42
CA PRO A 150 25.90 5.45 20.53
C PRO A 150 25.80 4.73 21.86
N LYS A 151 26.76 5.03 22.73
CA LYS A 151 26.82 4.43 24.06
C LYS A 151 25.56 4.75 24.86
N GLY A 152 24.96 3.71 25.43
CA GLY A 152 23.75 3.87 26.22
C GLY A 152 22.57 3.19 25.56
N VAL A 153 22.52 3.27 24.23
CA VAL A 153 21.42 2.66 23.49
C VAL A 153 21.53 1.14 23.55
N SER A 154 22.70 0.60 23.23
CA SER A 154 22.95 -0.83 23.25
C SER A 154 23.36 -1.34 24.63
N GLU A 155 23.40 -0.46 25.64
CA GLU A 155 23.78 -0.82 26.99
C GLU A 155 22.61 -0.61 27.93
N CYS A 156 22.52 -1.45 28.95
CA CYS A 156 21.44 -1.35 29.93
C CYS A 156 21.89 -0.58 31.16
N ALA A 157 20.98 -0.45 32.12
CA ALA A 157 21.27 0.27 33.36
C ALA A 157 22.29 -0.49 34.21
N ASP A 158 22.21 -1.82 34.21
CA ASP A 158 23.12 -2.65 34.98
C ASP A 158 24.58 -2.36 34.63
N GLU A 159 25.41 -2.20 35.65
CA GLU A 159 26.82 -1.93 35.46
C GLU A 159 27.65 -3.20 35.62
N ASN A 160 26.99 -4.33 35.84
CA ASN A 160 27.63 -5.63 36.00
C ASN A 160 27.49 -6.46 34.73
N CYS A 161 26.92 -5.89 33.68
CA CYS A 161 26.69 -6.52 32.40
C CYS A 161 27.69 -6.00 31.37
N CYS A 162 27.93 -6.81 30.34
CA CYS A 162 28.84 -6.43 29.27
C CYS A 162 28.06 -5.92 28.08
N HIS A 163 26.74 -5.83 28.23
CA HIS A 163 25.85 -5.35 27.20
C HIS A 163 26.11 -6.03 25.86
N VAL A 164 26.07 -7.36 25.91
CA VAL A 164 26.30 -8.19 24.73
C VAL A 164 25.06 -9.01 24.39
N ALA A 165 24.15 -9.23 25.34
CA ALA A 165 22.93 -9.99 25.09
C ALA A 165 21.79 -9.50 25.96
N CYS A 166 21.77 -8.20 26.29
CA CYS A 166 20.72 -7.63 27.11
C CYS A 166 19.61 -7.07 26.21
N ARG A 167 18.51 -6.66 26.85
CA ARG A 167 17.34 -6.11 26.18
C ARG A 167 17.64 -4.91 25.28
N PRO A 168 18.24 -3.81 25.77
CA PRO A 168 18.52 -2.68 24.86
C PRO A 168 19.27 -3.03 23.58
N ALA A 169 20.23 -3.95 23.67
CA ALA A 169 21.00 -4.34 22.49
C ALA A 169 20.16 -5.15 21.53
N VAL A 170 19.50 -6.20 22.03
CA VAL A 170 18.66 -7.01 21.15
C VAL A 170 17.58 -6.14 20.51
N ASP A 171 17.04 -5.19 21.27
CA ASP A 171 16.01 -4.32 20.71
C ASP A 171 16.56 -3.47 19.57
N PHE A 172 17.77 -2.92 19.74
CA PHE A 172 18.39 -2.15 18.66
C PHE A 172 18.62 -3.02 17.43
N MET A 173 19.14 -4.23 17.64
CA MET A 173 19.38 -5.14 16.53
C MET A 173 18.09 -5.46 15.79
N LEU A 174 17.02 -5.74 16.55
CA LEU A 174 15.72 -6.05 15.95
C LEU A 174 15.22 -4.87 15.14
N GLU A 175 15.31 -3.66 15.68
CA GLU A 175 14.86 -2.49 14.95
C GLU A 175 15.62 -2.32 13.65
N VAL A 176 16.95 -2.51 13.69
CA VAL A 176 17.75 -2.33 12.47
C VAL A 176 17.41 -3.41 11.45
N LEU A 177 17.20 -4.65 11.92
CA LEU A 177 16.86 -5.73 11.00
C LEU A 177 15.50 -5.50 10.35
N TYR A 178 14.52 -5.01 11.12
CA TYR A 178 13.21 -4.71 10.54
C TYR A 178 13.32 -3.59 9.52
N LEU A 179 14.13 -2.57 9.81
CA LEU A 179 14.32 -1.48 8.84
C LEU A 179 14.98 -2.00 7.56
N ALA A 180 15.97 -2.88 7.70
CA ALA A 180 16.62 -3.45 6.53
C ALA A 180 15.66 -4.33 5.74
N PHE A 181 14.72 -5.00 6.41
CA PHE A 181 13.74 -5.80 5.69
C PHE A 181 12.76 -4.91 4.94
N ILE A 182 12.28 -3.84 5.58
CA ILE A 182 11.34 -2.94 4.92
C ILE A 182 12.01 -2.27 3.73
N PHE A 183 13.28 -1.88 3.87
CA PHE A 183 14.00 -1.21 2.80
C PHE A 183 14.55 -2.18 1.76
N LYS A 184 14.41 -3.49 1.97
CA LYS A 184 14.85 -4.51 1.00
C LYS A 184 16.34 -4.43 0.70
N ILE A 185 17.15 -4.05 1.69
CA ILE A 185 18.60 -4.10 1.59
C ILE A 185 19.08 -5.47 2.05
N PRO A 186 19.42 -6.39 1.13
CA PRO A 186 19.66 -7.78 1.54
C PRO A 186 20.95 -7.98 2.33
N GLU A 187 22.01 -7.23 2.03
CA GLU A 187 23.27 -7.40 2.76
C GLU A 187 23.13 -7.00 4.22
N LEU A 188 22.45 -5.87 4.49
CA LEU A 188 22.22 -5.45 5.86
C LEU A 188 21.37 -6.47 6.60
N ILE A 189 20.35 -7.00 5.91
CA ILE A 189 19.51 -8.05 6.47
C ILE A 189 20.35 -9.23 6.89
N THR A 190 21.22 -9.70 6.00
CA THR A 190 22.03 -10.88 6.31
C THR A 190 22.97 -10.61 7.48
N LEU A 191 23.60 -9.43 7.51
CA LEU A 191 24.55 -9.12 8.57
C LEU A 191 23.87 -9.11 9.94
N TYR A 192 22.74 -8.43 10.05
CA TYR A 192 22.09 -8.41 11.36
C TYR A 192 21.35 -9.70 11.68
N GLN A 193 20.90 -10.45 10.68
CA GLN A 193 20.41 -11.79 10.98
C GLN A 193 21.53 -12.63 11.58
N ARG A 194 22.76 -12.49 11.05
CA ARG A 194 23.90 -13.20 11.62
C ARG A 194 24.09 -12.78 13.07
N HIS A 195 24.09 -11.47 13.30
CA HIS A 195 24.22 -10.92 14.64
C HIS A 195 23.21 -11.56 15.60
N LEU A 196 21.93 -11.56 15.21
CA LEU A 196 20.89 -12.10 16.08
C LEU A 196 21.06 -13.60 16.32
N LEU A 197 21.50 -14.37 15.32
CA LEU A 197 21.77 -15.78 15.61
C LEU A 197 22.96 -15.94 16.55
N ASP A 198 23.94 -15.05 16.48
CA ASP A 198 25.06 -15.14 17.40
C ASP A 198 24.66 -14.79 18.82
N VAL A 199 23.73 -13.84 18.99
CA VAL A 199 23.39 -13.40 20.33
C VAL A 199 22.22 -14.15 20.96
N VAL A 200 21.36 -14.80 20.15
CA VAL A 200 20.11 -15.35 20.66
C VAL A 200 20.32 -16.48 21.65
N ASP A 201 21.42 -17.24 21.51
CA ASP A 201 21.63 -18.38 22.38
C ASP A 201 21.91 -17.99 23.83
N LYS A 202 22.16 -16.72 24.11
CA LYS A 202 22.39 -16.26 25.48
C LYS A 202 21.28 -15.38 26.03
N VAL A 203 20.41 -14.85 25.16
CA VAL A 203 19.35 -13.96 25.61
C VAL A 203 18.23 -14.75 26.28
N VAL A 204 17.70 -14.19 27.39
CA VAL A 204 16.60 -14.83 28.10
C VAL A 204 15.42 -15.08 27.16
N ILE A 205 14.75 -16.21 27.37
CA ILE A 205 13.58 -16.66 26.60
C ILE A 205 12.56 -15.58 26.32
N GLU A 206 12.20 -14.79 27.34
CA GLU A 206 11.21 -13.73 27.19
C GLU A 206 11.54 -12.81 26.02
N ASP A 207 12.82 -12.51 25.80
CA ASP A 207 13.20 -11.66 24.68
C ASP A 207 13.26 -12.45 23.38
N THR A 208 13.59 -13.74 23.47
CA THR A 208 13.54 -14.60 22.29
C THR A 208 12.14 -14.67 21.72
N LEU A 209 11.11 -14.51 22.56
CA LEU A 209 9.75 -14.45 22.05
C LEU A 209 9.56 -13.26 21.12
N VAL A 210 10.06 -12.09 21.52
CA VAL A 210 9.94 -10.90 20.70
C VAL A 210 10.79 -11.05 19.43
N ILE A 211 11.97 -11.68 19.57
CA ILE A 211 12.80 -11.91 18.40
C ILE A 211 12.07 -12.81 17.40
N LEU A 212 11.41 -13.87 17.89
CA LEU A 212 10.63 -14.72 17.01
C LEU A 212 9.48 -13.94 16.37
N LYS A 213 8.87 -13.03 17.14
CA LYS A 213 7.78 -12.22 16.61
C LYS A 213 8.24 -11.41 15.41
N LEU A 214 9.38 -10.74 15.55
CA LEU A 214 9.89 -9.93 14.44
C LEU A 214 10.43 -10.80 13.31
N ALA A 215 10.98 -11.97 13.64
CA ALA A 215 11.46 -12.87 12.60
C ALA A 215 10.30 -13.36 11.73
N ASN A 216 9.14 -13.62 12.34
CA ASN A 216 7.97 -13.94 11.53
C ASN A 216 7.47 -12.72 10.77
N ILE A 217 7.59 -11.52 11.37
CA ILE A 217 7.21 -10.31 10.64
C ILE A 217 8.04 -10.15 9.38
N CYS A 218 9.31 -10.55 9.42
CA CYS A 218 10.17 -10.41 8.26
C CYS A 218 9.92 -11.49 7.20
N GLY A 219 8.94 -12.37 7.43
CA GLY A 219 8.57 -13.32 6.39
C GLY A 219 9.66 -14.32 6.06
N LYS A 220 9.77 -14.63 4.77
CA LYS A 220 10.71 -15.61 4.27
C LYS A 220 12.13 -15.08 4.13
N ALA A 221 12.35 -13.79 4.37
CA ALA A 221 13.69 -13.23 4.27
C ALA A 221 14.54 -13.65 5.46
N CYS A 222 14.02 -13.48 6.67
CA CYS A 222 14.71 -13.92 7.89
C CYS A 222 14.30 -15.34 8.29
N MET A 223 14.40 -16.28 7.34
CA MET A 223 13.97 -17.64 7.59
C MET A 223 14.84 -18.32 8.65
N LYS A 224 16.15 -18.03 8.62
CA LYS A 224 17.08 -18.69 9.53
C LYS A 224 16.84 -18.26 10.96
N LEU A 225 16.69 -16.95 11.19
CA LEU A 225 16.43 -16.46 12.53
C LEU A 225 15.11 -16.99 13.04
N LEU A 226 14.10 -17.01 12.17
CA LEU A 226 12.79 -17.53 12.55
C LEU A 226 12.91 -18.96 13.04
N ASP A 227 13.49 -19.83 12.19
CA ASP A 227 13.69 -21.23 12.54
C ASP A 227 14.40 -21.37 13.89
N ARG A 228 15.53 -20.66 14.05
CA ARG A 228 16.28 -20.72 15.30
C ARG A 228 15.39 -20.38 16.50
N CYS A 229 14.72 -19.23 16.42
CA CYS A 229 13.83 -18.79 17.49
C CYS A 229 12.79 -19.86 17.80
N LYS A 230 12.16 -20.40 16.75
CA LYS A 230 11.16 -21.44 16.94
C LYS A 230 11.71 -22.61 17.73
N GLU A 231 12.86 -23.15 17.30
CA GLU A 231 13.47 -24.27 18.02
C GLU A 231 13.73 -23.91 19.47
N ILE A 232 14.32 -22.73 19.72
CA ILE A 232 14.61 -22.30 21.09
C ILE A 232 13.34 -22.28 21.94
N ILE A 233 12.27 -21.65 21.42
CA ILE A 233 11.02 -21.57 22.17
C ILE A 233 10.46 -22.96 22.43
N VAL A 234 10.52 -23.85 21.45
CA VAL A 234 9.98 -25.20 21.62
C VAL A 234 10.77 -25.96 22.68
N LYS A 235 12.08 -25.75 22.74
CA LYS A 235 12.89 -26.45 23.73
C LYS A 235 12.78 -25.84 25.13
N SER A 236 11.90 -24.86 25.32
CA SER A 236 11.74 -24.17 26.60
C SER A 236 10.34 -24.42 27.15
N ASN A 237 10.22 -24.36 28.47
CA ASN A 237 8.93 -24.58 29.15
C ASN A 237 8.15 -23.27 29.29
N VAL A 238 7.80 -22.69 28.15
CA VAL A 238 7.03 -21.44 28.13
C VAL A 238 5.57 -21.74 28.43
N ASP A 239 4.96 -20.91 29.27
CA ASP A 239 3.56 -21.09 29.62
C ASP A 239 2.68 -20.91 28.40
N MET A 240 1.54 -21.62 28.40
CA MET A 240 0.61 -21.52 27.27
C MET A 240 0.01 -20.12 27.16
N VAL A 241 -0.27 -19.48 28.30
CA VAL A 241 -0.82 -18.13 28.27
C VAL A 241 0.19 -17.15 27.71
N SER A 242 1.47 -17.32 28.04
CA SER A 242 2.50 -16.45 27.47
C SER A 242 2.57 -16.59 25.95
N LEU A 243 2.45 -17.81 25.45
CA LEU A 243 2.43 -18.03 24.01
C LEU A 243 1.22 -17.38 23.37
N GLU A 244 0.06 -17.49 24.01
CA GLU A 244 -1.15 -16.89 23.45
C GLU A 244 -1.09 -15.36 23.46
N LYS A 245 -0.47 -14.77 24.48
CA LYS A 245 -0.42 -13.33 24.61
C LYS A 245 0.81 -12.70 23.98
N SER A 246 1.74 -13.51 23.47
CA SER A 246 2.94 -12.98 22.83
C SER A 246 3.03 -13.28 21.34
N LEU A 247 2.29 -14.27 20.84
CA LEU A 247 2.39 -14.67 19.45
C LEU A 247 1.01 -14.77 18.83
N PRO A 248 0.91 -14.57 17.51
CA PRO A 248 -0.36 -14.77 16.82
C PRO A 248 -0.77 -16.24 16.81
N GLU A 249 -2.04 -16.47 16.46
CA GLU A 249 -2.61 -17.81 16.53
C GLU A 249 -1.84 -18.78 15.65
N GLU A 250 -1.37 -18.32 14.49
CA GLU A 250 -0.63 -19.20 13.59
C GLU A 250 0.65 -19.70 14.24
N LEU A 251 1.40 -18.79 14.87
CA LEU A 251 2.66 -19.19 15.51
C LEU A 251 2.40 -20.11 16.69
N VAL A 252 1.37 -19.81 17.49
CA VAL A 252 1.07 -20.67 18.63
C VAL A 252 0.69 -22.06 18.17
N LYS A 253 -0.16 -22.16 17.14
CA LYS A 253 -0.56 -23.47 16.65
C LYS A 253 0.62 -24.23 16.06
N GLU A 254 1.49 -23.54 15.31
CA GLU A 254 2.68 -24.18 14.76
C GLU A 254 3.61 -24.70 15.85
N ILE A 255 3.84 -23.88 16.88
CA ILE A 255 4.74 -24.27 17.96
C ILE A 255 4.14 -25.44 18.74
N ILE A 256 2.83 -25.42 18.95
CA ILE A 256 2.19 -26.53 19.67
C ILE A 256 2.26 -27.81 18.86
N ASP A 257 2.06 -27.72 17.54
CA ASP A 257 2.16 -28.92 16.70
C ASP A 257 3.56 -29.48 16.72
N ARG A 258 4.58 -28.62 16.63
CA ARG A 258 5.96 -29.11 16.67
C ARG A 258 6.31 -29.67 18.04
N ARG A 259 5.80 -29.04 19.10
CA ARG A 259 6.06 -29.48 20.45
C ARG A 259 5.41 -30.84 20.72
N LYS A 260 4.22 -31.05 20.16
CA LYS A 260 3.49 -32.29 20.34
C LYS A 260 4.02 -33.40 19.45
N GLU A 261 4.70 -33.06 18.35
CA GLU A 261 5.23 -34.10 17.48
C GLU A 261 6.50 -34.72 18.07
N LEU A 262 7.24 -33.97 18.89
CA LEU A 262 8.45 -34.48 19.51
C LEU A 262 8.18 -35.19 20.82
N GLY A 263 6.96 -35.11 21.35
CA GLY A 263 6.60 -35.75 22.59
C GLY A 263 6.99 -35.03 23.85
N LEU A 264 7.16 -33.71 23.80
CA LEU A 264 7.54 -32.97 25.00
C LEU A 264 6.32 -32.82 25.91
N GLU A 265 6.59 -32.47 27.17
CA GLU A 265 5.54 -32.29 28.18
C GLU A 265 4.75 -31.02 27.85
N VAL A 266 3.59 -31.19 27.24
CA VAL A 266 2.71 -30.08 26.86
C VAL A 266 1.35 -30.29 27.49
N PRO A 267 1.20 -30.00 28.78
CA PRO A 267 -0.09 -30.19 29.44
C PRO A 267 -1.11 -29.14 29.04
N LYS A 268 -2.37 -29.54 29.06
CA LYS A 268 -3.47 -28.65 28.69
C LYS A 268 -3.84 -27.77 29.88
N VAL A 269 -4.58 -26.70 29.59
CA VAL A 269 -4.99 -25.73 30.59
C VAL A 269 -6.35 -26.11 31.15
N LYS A 270 -6.42 -26.14 32.49
CA LYS A 270 -7.64 -26.46 33.21
C LYS A 270 -8.76 -25.49 32.85
N LYS A 271 -9.96 -26.03 32.62
CA LYS A 271 -11.07 -25.21 32.14
C LYS A 271 -11.41 -24.11 33.16
N HIS A 272 -11.44 -24.46 34.45
CA HIS A 272 -11.73 -23.46 35.47
C HIS A 272 -10.61 -22.42 35.58
N VAL A 273 -9.35 -22.85 35.42
CA VAL A 273 -8.24 -21.91 35.39
C VAL A 273 -8.36 -21.00 34.17
N SER A 274 -8.77 -21.56 33.02
CA SER A 274 -9.01 -20.73 31.86
C SER A 274 -10.14 -19.74 32.13
N ASN A 275 -11.15 -20.16 32.88
CA ASN A 275 -12.25 -19.27 33.23
C ASN A 275 -11.78 -18.11 34.09
N VAL A 276 -10.97 -18.38 35.11
CA VAL A 276 -10.46 -17.29 35.95
C VAL A 276 -9.57 -16.36 35.13
N HIS A 277 -8.74 -16.92 34.23
CA HIS A 277 -7.88 -16.08 33.41
C HIS A 277 -8.69 -15.19 32.47
N LYS A 278 -9.73 -15.73 31.84
CA LYS A 278 -10.58 -14.91 30.98
C LYS A 278 -11.34 -13.87 31.78
N ALA A 279 -11.74 -14.21 33.01
CA ALA A 279 -12.39 -13.23 33.87
C ALA A 279 -11.46 -12.09 34.20
N LEU A 280 -10.18 -12.41 34.41
CA LEU A 280 -9.20 -11.36 34.70
C LEU A 280 -8.92 -10.52 33.46
N ASP A 281 -8.95 -11.14 32.28
CA ASP A 281 -8.68 -10.42 31.04
C ASP A 281 -9.76 -9.39 30.73
N SER A 282 -10.98 -9.62 31.20
CA SER A 282 -12.10 -8.71 30.99
C SER A 282 -12.24 -7.67 32.08
N ASP A 283 -11.29 -7.64 33.03
CA ASP A 283 -11.32 -6.66 34.13
C ASP A 283 -12.61 -6.78 34.94
N ASP A 284 -13.03 -8.01 35.21
CA ASP A 284 -14.23 -8.28 36.00
C ASP A 284 -13.78 -8.98 37.28
N ILE A 285 -13.41 -8.16 38.27
CA ILE A 285 -12.92 -8.72 39.54
C ILE A 285 -14.04 -9.39 40.31
N GLU A 286 -15.27 -8.86 40.24
CA GLU A 286 -16.38 -9.47 40.97
C GLU A 286 -16.71 -10.86 40.44
N LEU A 287 -16.50 -11.11 39.14
CA LEU A 287 -16.73 -12.44 38.62
C LEU A 287 -15.72 -13.41 39.22
N VAL A 288 -14.46 -12.98 39.29
CA VAL A 288 -13.41 -13.81 39.90
C VAL A 288 -13.75 -14.06 41.36
N LYS A 289 -14.35 -13.06 42.02
CA LYS A 289 -14.74 -13.21 43.41
C LYS A 289 -15.80 -14.30 43.53
N LEU A 290 -16.80 -14.28 42.64
CA LEU A 290 -17.84 -15.31 42.68
C LEU A 290 -17.27 -16.68 42.35
N LEU A 291 -16.26 -16.74 41.47
CA LEU A 291 -15.64 -18.02 41.16
C LEU A 291 -14.87 -18.57 42.35
N LEU A 292 -14.19 -17.68 43.08
CA LEU A 292 -13.50 -18.15 44.29
C LEU A 292 -14.50 -18.50 45.36
N LYS A 293 -15.68 -17.86 45.34
CA LYS A 293 -16.76 -18.25 46.24
C LYS A 293 -17.20 -19.67 45.94
N GLU A 294 -17.23 -20.03 44.65
CA GLU A 294 -17.58 -21.40 44.27
C GLU A 294 -16.52 -22.40 44.71
N ASP A 295 -15.31 -21.94 45.01
CA ASP A 295 -14.17 -22.77 45.42
C ASP A 295 -13.79 -23.75 44.31
N HIS A 296 -14.10 -23.43 43.06
CA HIS A 296 -13.66 -24.25 41.95
C HIS A 296 -12.19 -24.02 41.62
N THR A 297 -11.70 -22.80 41.81
CA THR A 297 -10.31 -22.45 41.51
C THR A 297 -9.67 -21.83 42.74
N ASN A 298 -8.33 -21.77 42.70
CA ASN A 298 -7.54 -21.08 43.70
C ASN A 298 -6.56 -20.16 42.98
N LEU A 299 -6.30 -18.99 43.57
CA LEU A 299 -5.38 -18.05 42.94
C LEU A 299 -3.95 -18.58 42.89
N ASP A 300 -3.60 -19.53 43.76
CA ASP A 300 -2.24 -20.08 43.74
C ASP A 300 -2.04 -21.05 42.59
N ASP A 301 -2.98 -21.98 42.40
CA ASP A 301 -2.90 -22.92 41.29
C ASP A 301 -3.12 -22.25 39.94
N ALA A 302 -3.76 -21.08 39.92
CA ALA A 302 -4.01 -20.35 38.68
C ALA A 302 -2.95 -19.29 38.36
N CYS A 303 -2.10 -18.94 39.33
CA CYS A 303 -1.09 -17.91 39.15
C CYS A 303 -1.73 -16.61 38.65
N ALA A 304 -2.86 -16.25 39.26
CA ALA A 304 -3.58 -15.05 38.86
C ALA A 304 -2.78 -13.79 39.10
N LEU A 305 -1.94 -13.76 40.15
CA LEU A 305 -1.08 -12.60 40.37
C LEU A 305 -0.09 -12.41 39.23
N HIS A 306 0.56 -13.50 38.80
CA HIS A 306 1.48 -13.42 37.68
C HIS A 306 0.77 -12.94 36.42
N PHE A 307 -0.43 -13.47 36.16
CA PHE A 307 -1.18 -13.06 34.97
C PHE A 307 -1.54 -11.58 35.03
N ALA A 308 -2.06 -11.13 36.17
CA ALA A 308 -2.48 -9.75 36.30
C ALA A 308 -1.29 -8.80 36.17
N VAL A 309 -0.14 -9.18 36.71
CA VAL A 309 1.02 -8.31 36.61
C VAL A 309 1.64 -8.35 35.21
N ALA A 310 1.59 -9.49 34.53
CA ALA A 310 2.24 -9.59 33.23
C ALA A 310 1.41 -8.96 32.12
N TYR A 311 0.14 -9.34 32.00
CA TYR A 311 -0.65 -8.97 30.84
C TYR A 311 -1.88 -8.13 31.14
N CYS A 312 -2.52 -8.31 32.28
CA CYS A 312 -3.76 -7.62 32.56
C CYS A 312 -3.48 -6.15 32.91
N ASN A 313 -4.54 -5.39 33.12
CA ASN A 313 -4.40 -3.99 33.45
C ASN A 313 -3.84 -3.81 34.87
N VAL A 314 -3.25 -2.63 35.09
CA VAL A 314 -2.65 -2.31 36.39
C VAL A 314 -3.71 -2.27 37.49
N LYS A 315 -4.85 -1.64 37.22
CA LYS A 315 -5.88 -1.50 38.24
C LYS A 315 -6.47 -2.85 38.62
N THR A 316 -6.58 -3.76 37.66
CA THR A 316 -7.09 -5.09 37.97
C THR A 316 -6.17 -5.82 38.92
N ALA A 317 -4.86 -5.77 38.66
CA ALA A 317 -3.90 -6.39 39.57
C ALA A 317 -3.92 -5.73 40.94
N THR A 318 -4.12 -4.40 40.97
CA THR A 318 -4.22 -3.71 42.25
C THR A 318 -5.43 -4.19 43.05
N ASP A 319 -6.58 -4.28 42.39
CA ASP A 319 -7.79 -4.74 43.07
C ASP A 319 -7.70 -6.21 43.45
N LEU A 320 -6.98 -7.01 42.67
CA LEU A 320 -6.78 -8.42 43.03
C LEU A 320 -5.87 -8.54 44.25
N LEU A 321 -4.86 -7.68 44.35
CA LEU A 321 -3.99 -7.68 45.52
C LEU A 321 -4.73 -7.17 46.75
N LYS A 322 -5.67 -6.24 46.56
CA LYS A 322 -6.42 -5.67 47.67
C LYS A 322 -7.37 -6.68 48.31
N LEU A 323 -7.50 -7.88 47.75
CA LEU A 323 -8.34 -8.91 48.34
C LEU A 323 -7.59 -9.79 49.32
N ASP A 324 -6.28 -9.98 49.11
CA ASP A 324 -5.42 -10.75 50.01
C ASP A 324 -5.96 -12.17 50.19
N LEU A 325 -5.89 -12.93 49.09
CA LEU A 325 -6.35 -14.30 49.07
C LEU A 325 -5.30 -15.22 48.42
N ALA A 326 -4.08 -14.74 48.22
CA ALA A 326 -3.04 -15.55 47.61
C ALA A 326 -1.67 -15.07 48.05
N ASP A 327 -0.73 -16.01 48.11
CA ASP A 327 0.64 -15.71 48.52
C ASP A 327 1.33 -14.85 47.48
N VAL A 328 1.92 -13.74 47.94
CA VAL A 328 2.61 -12.83 47.04
C VAL A 328 3.97 -13.39 46.62
N ASN A 329 4.66 -14.10 47.51
CA ASN A 329 5.97 -14.67 47.23
C ASN A 329 5.90 -16.06 46.62
N HIS A 330 4.73 -16.45 46.08
CA HIS A 330 4.59 -17.76 45.46
C HIS A 330 5.26 -17.80 44.10
N ARG A 331 5.73 -18.99 43.72
CA ARG A 331 6.42 -19.17 42.46
C ARG A 331 5.46 -19.71 41.40
N ASN A 332 6.02 -19.98 40.22
CA ASN A 332 5.30 -20.52 39.06
C ASN A 332 6.12 -21.64 38.45
N PRO A 333 5.60 -22.42 37.50
CA PRO A 333 6.42 -23.45 36.85
C PRO A 333 7.68 -22.91 36.20
N ARG A 334 7.71 -21.63 35.84
CA ARG A 334 8.92 -21.03 35.27
C ARG A 334 9.90 -20.54 36.32
N GLY A 335 9.47 -20.44 37.59
CA GLY A 335 10.34 -20.05 38.67
C GLY A 335 10.34 -18.59 39.07
N TYR A 336 9.44 -17.78 38.53
CA TYR A 336 9.38 -16.36 38.83
C TYR A 336 8.34 -16.07 39.90
N THR A 337 8.66 -15.16 40.82
CA THR A 337 7.70 -14.67 41.78
C THR A 337 6.97 -13.46 41.19
N VAL A 338 6.00 -12.95 41.94
CA VAL A 338 5.21 -11.82 41.46
C VAL A 338 6.08 -10.57 41.33
N LEU A 339 7.00 -10.36 42.27
CA LEU A 339 7.87 -9.20 42.20
C LEU A 339 8.81 -9.28 41.00
N HIS A 340 9.34 -10.47 40.70
CA HIS A 340 10.21 -10.61 39.53
C HIS A 340 9.48 -10.23 38.25
N VAL A 341 8.22 -10.69 38.09
CA VAL A 341 7.45 -10.33 36.91
C VAL A 341 7.13 -8.85 36.91
N ALA A 342 6.89 -8.27 38.09
CA ALA A 342 6.66 -6.83 38.17
C ALA A 342 7.89 -6.05 37.73
N ALA A 343 9.08 -6.52 38.09
CA ALA A 343 10.31 -5.89 37.62
C ALA A 343 10.49 -6.08 36.13
N MET A 344 10.08 -7.25 35.61
CA MET A 344 10.20 -7.51 34.18
C MET A 344 9.27 -6.62 33.36
N ARG A 345 8.11 -6.28 33.92
CA ARG A 345 7.15 -5.43 33.22
C ARG A 345 7.51 -3.95 33.31
N LYS A 346 8.26 -3.54 34.35
CA LYS A 346 8.64 -2.15 34.55
C LYS A 346 7.43 -1.28 34.82
N GLU A 347 6.55 -1.75 35.70
CA GLU A 347 5.40 -0.96 36.14
C GLU A 347 5.61 -0.57 37.59
N PRO A 348 5.86 0.71 37.89
CA PRO A 348 6.19 1.09 39.28
C PRO A 348 5.08 0.87 40.29
N GLN A 349 3.81 1.07 39.91
CA GLN A 349 2.74 0.97 40.89
C GLN A 349 2.56 -0.47 41.37
N LEU A 350 2.75 -1.45 40.48
CA LEU A 350 2.65 -2.85 40.88
C LEU A 350 3.75 -3.20 41.88
N ILE A 351 4.99 -2.81 41.59
CA ILE A 351 6.10 -3.07 42.51
C ILE A 351 5.85 -2.37 43.85
N LEU A 352 5.33 -1.14 43.80
CA LEU A 352 5.08 -0.41 45.03
C LEU A 352 4.02 -1.12 45.87
N SER A 353 2.91 -1.52 45.26
CA SER A 353 1.86 -2.22 45.99
C SER A 353 2.32 -3.56 46.51
N LEU A 354 3.23 -4.23 45.80
CA LEU A 354 3.79 -5.49 46.31
C LEU A 354 4.72 -5.24 47.50
N LEU A 355 5.49 -4.14 47.46
CA LEU A 355 6.39 -3.83 48.55
C LEU A 355 5.64 -3.32 49.78
N GLU A 356 4.47 -2.74 49.57
CA GLU A 356 3.65 -2.23 50.67
C GLU A 356 2.86 -3.33 51.36
N LYS A 357 2.61 -4.43 50.66
CA LYS A 357 1.87 -5.56 51.21
C LYS A 357 2.78 -6.64 51.76
N GLY A 358 3.97 -6.80 51.18
CA GLY A 358 4.93 -7.79 51.62
C GLY A 358 5.49 -8.60 50.47
N ALA A 359 6.75 -8.34 50.12
CA ALA A 359 7.42 -9.01 49.02
C ALA A 359 8.89 -9.14 49.35
N SER A 360 9.42 -10.36 49.29
CA SER A 360 10.84 -10.58 49.53
C SER A 360 11.63 -10.28 48.26
N ALA A 361 12.47 -9.24 48.33
CA ALA A 361 13.24 -8.80 47.17
C ALA A 361 14.56 -9.52 47.02
N SER A 362 14.95 -10.35 47.97
CA SER A 362 16.23 -11.05 47.95
C SER A 362 16.14 -12.42 47.28
N GLU A 363 14.98 -12.80 46.74
CA GLU A 363 14.81 -14.08 46.08
C GLU A 363 15.23 -14.00 44.62
N ALA A 364 15.83 -15.06 44.12
CA ALA A 364 16.35 -15.12 42.76
C ALA A 364 15.54 -16.10 41.92
N THR A 365 15.74 -16.02 40.61
CA THR A 365 15.07 -16.92 39.67
C THR A 365 15.89 -18.20 39.51
N LEU A 366 15.49 -19.04 38.55
CA LEU A 366 16.27 -20.24 38.25
C LEU A 366 17.60 -19.90 37.59
N GLU A 367 17.66 -18.77 36.88
CA GLU A 367 18.89 -18.33 36.23
C GLU A 367 19.79 -17.50 37.15
N GLY A 368 19.37 -17.24 38.37
CA GLY A 368 20.19 -16.49 39.30
C GLY A 368 20.03 -14.99 39.25
N ARG A 369 18.94 -14.48 38.70
CA ARG A 369 18.72 -13.05 38.60
C ARG A 369 17.79 -12.61 39.72
N THR A 370 18.16 -11.55 40.43
CA THR A 370 17.32 -10.95 41.44
C THR A 370 16.44 -9.85 40.82
N ALA A 371 15.51 -9.32 41.63
CA ALA A 371 14.62 -8.27 41.14
C ALA A 371 15.40 -7.03 40.74
N LEU A 372 16.44 -6.69 41.50
CA LEU A 372 17.27 -5.54 41.15
C LEU A 372 17.98 -5.76 39.81
N MET A 373 18.47 -6.98 39.61
CA MET A 373 19.12 -7.32 38.35
C MET A 373 18.15 -7.23 37.18
N ILE A 374 16.93 -7.72 37.35
CA ILE A 374 15.94 -7.64 36.28
C ILE A 374 15.59 -6.19 35.98
N ALA A 375 15.41 -5.38 37.02
CA ALA A 375 15.07 -3.97 36.79
C ALA A 375 16.20 -3.24 36.10
N LYS A 376 17.45 -3.57 36.44
CA LYS A 376 18.59 -2.93 35.80
C LYS A 376 18.76 -3.38 34.35
N GLN A 377 18.61 -4.68 34.09
CA GLN A 377 18.79 -5.22 32.75
C GLN A 377 17.60 -4.99 31.83
N ALA A 378 16.47 -4.52 32.35
CA ALA A 378 15.34 -4.22 31.48
C ALA A 378 15.32 -2.77 31.01
N THR A 379 16.09 -1.89 31.65
CA THR A 379 16.13 -0.48 31.31
C THR A 379 17.43 -0.17 30.56
N MET A 380 17.34 0.76 29.60
CA MET A 380 18.52 1.15 28.85
C MET A 380 19.35 2.14 29.65
N ALA A 381 20.64 2.22 29.32
CA ALA A 381 21.55 3.08 30.05
C ALA A 381 21.32 4.55 29.80
N VAL A 382 20.54 4.92 28.79
CA VAL A 382 20.26 6.33 28.54
C VAL A 382 19.45 6.92 29.67
N GLU A 383 18.54 6.14 30.24
CA GLU A 383 17.63 6.63 31.27
C GLU A 383 18.29 6.76 32.64
N CYS A 384 19.55 6.33 32.77
CA CYS A 384 20.26 6.35 34.06
C CYS A 384 21.69 6.79 33.82
N ASN A 385 21.86 8.00 33.27
CA ASN A 385 23.17 8.53 32.97
C ASN A 385 23.10 10.04 32.75
N SER A 394 10.75 6.82 28.12
CA SER A 394 9.90 6.77 29.31
C SER A 394 10.70 6.40 30.54
N LEU A 395 10.64 7.25 31.56
CA LEU A 395 11.40 7.03 32.79
C LEU A 395 10.70 6.05 33.73
N LYS A 396 9.95 5.10 33.16
CA LYS A 396 9.27 4.12 33.99
C LYS A 396 10.25 3.09 34.54
N GLY A 397 11.15 2.60 33.68
CA GLY A 397 12.16 1.65 34.14
C GLY A 397 13.10 2.27 35.16
N ARG A 398 13.47 3.53 34.94
CA ARG A 398 14.30 4.24 35.91
C ARG A 398 13.58 4.40 37.23
N LEU A 399 12.27 4.66 37.19
CA LEU A 399 11.50 4.77 38.42
C LEU A 399 11.46 3.44 39.16
N CYS A 400 11.28 2.33 38.43
CA CYS A 400 11.29 1.02 39.08
C CYS A 400 12.65 0.69 39.67
N VAL A 401 13.73 0.95 38.94
CA VAL A 401 15.07 0.65 39.45
C VAL A 401 15.37 1.50 40.69
N GLU A 402 15.02 2.79 40.67
CA GLU A 402 15.30 3.61 41.85
C GLU A 402 14.45 3.18 43.04
N ILE A 403 13.19 2.80 42.80
CA ILE A 403 12.35 2.29 43.88
C ILE A 403 13.00 1.07 44.51
N LEU A 404 13.47 0.14 43.67
CA LEU A 404 14.04 -1.09 44.21
C LEU A 404 15.39 -0.86 44.88
N GLU A 405 16.21 0.07 44.37
CA GLU A 405 17.46 0.37 45.07
C GLU A 405 17.18 1.03 46.42
N GLN A 406 16.16 1.89 46.50
CA GLN A 406 15.75 2.42 47.80
C GLN A 406 15.37 1.27 48.74
N GLU A 407 14.52 0.36 48.25
CA GLU A 407 14.11 -0.77 49.08
C GLU A 407 15.30 -1.66 49.46
N ASP A 408 16.38 -1.62 48.69
CA ASP A 408 17.56 -2.42 49.02
C ASP A 408 18.12 -2.03 50.39
N LYS A 409 18.57 -0.77 50.52
CA LYS A 409 19.18 -0.33 51.77
C LYS A 409 18.16 -0.13 52.89
N ARG A 410 16.86 -0.26 52.61
CA ARG A 410 15.84 -0.10 53.63
C ARG A 410 15.79 -1.33 54.53
N PRO B 47 38.97 -3.38 4.60
CA PRO B 47 37.84 -2.75 3.93
C PRO B 47 36.93 -3.75 3.25
N ASP B 48 35.63 -3.45 3.20
CA ASP B 48 34.65 -4.30 2.56
C ASP B 48 34.52 -3.91 1.09
N VAL B 49 35.07 -4.73 0.20
CA VAL B 49 35.12 -4.40 -1.22
C VAL B 49 33.76 -4.56 -1.88
N SER B 50 32.99 -5.57 -1.46
CA SER B 50 31.72 -5.86 -2.11
C SER B 50 30.72 -4.71 -1.92
N ALA B 51 30.63 -4.16 -0.70
CA ALA B 51 29.70 -3.07 -0.47
C ALA B 51 30.06 -1.84 -1.30
N LEU B 52 31.35 -1.54 -1.40
CA LEU B 52 31.78 -0.40 -2.21
C LEU B 52 31.49 -0.66 -3.68
N GLN B 53 31.67 -1.90 -4.14
CA GLN B 53 31.37 -2.22 -5.53
C GLN B 53 29.87 -2.06 -5.81
N LEU B 54 29.01 -2.47 -4.89
CA LEU B 54 27.57 -2.26 -5.07
C LEU B 54 27.22 -0.78 -5.07
N LEU B 55 27.84 0.01 -4.20
CA LEU B 55 27.63 1.45 -4.23
C LEU B 55 28.01 2.04 -5.59
N SER B 56 29.19 1.67 -6.09
CA SER B 56 29.65 2.17 -7.38
C SER B 56 28.72 1.74 -8.51
N ASN B 57 28.24 0.50 -8.45
CA ASN B 57 27.32 0.01 -9.48
C ASN B 57 25.99 0.77 -9.43
N SER B 58 25.47 1.00 -8.23
CA SER B 58 24.22 1.74 -8.09
C SER B 58 24.36 3.15 -8.66
N PHE B 59 25.47 3.83 -8.36
CA PHE B 59 25.60 5.19 -8.87
C PHE B 59 25.94 5.21 -10.36
N GLU B 60 26.60 4.18 -10.89
CA GLU B 60 26.77 4.09 -12.33
C GLU B 60 25.44 3.87 -13.03
N SER B 61 24.57 3.04 -12.45
CA SER B 61 23.21 2.89 -12.99
C SER B 61 22.42 4.18 -12.87
N VAL B 62 22.68 4.97 -11.83
CA VAL B 62 22.07 6.28 -11.71
C VAL B 62 22.49 7.17 -12.88
N PHE B 63 23.80 7.22 -13.15
CA PHE B 63 24.30 8.03 -14.25
C PHE B 63 23.79 7.53 -15.60
N ASP B 64 23.60 6.21 -15.73
CA ASP B 64 23.18 5.64 -17.01
C ASP B 64 21.72 5.94 -17.34
N SER B 65 20.93 6.35 -16.34
CA SER B 65 19.52 6.71 -16.56
C SER B 65 19.19 7.85 -15.61
N PRO B 66 19.69 9.06 -15.89
CA PRO B 66 19.53 10.15 -14.93
C PRO B 66 18.10 10.62 -14.73
N ASP B 67 17.26 10.57 -15.77
CA ASP B 67 15.89 11.02 -15.61
C ASP B 67 15.07 10.09 -14.74
N ASP B 68 15.45 8.81 -14.67
CA ASP B 68 14.76 7.84 -13.84
C ASP B 68 15.06 7.97 -12.36
N PHE B 69 16.10 8.70 -11.98
CA PHE B 69 16.51 8.81 -10.58
C PHE B 69 16.53 10.26 -10.09
N TYR B 70 15.60 11.07 -10.60
CA TYR B 70 15.36 12.44 -10.14
C TYR B 70 16.62 13.30 -10.28
N SER B 71 16.96 13.56 -11.54
CA SER B 71 18.06 14.46 -11.87
C SER B 71 17.62 15.91 -11.77
N ASP B 72 18.45 16.73 -11.13
CA ASP B 72 18.10 18.11 -10.85
C ASP B 72 19.01 19.14 -11.50
N ALA B 73 19.96 18.73 -12.34
CA ALA B 73 20.83 19.69 -13.01
C ALA B 73 21.18 19.22 -14.41
N LYS B 74 21.51 20.18 -15.26
CA LYS B 74 21.83 19.92 -16.67
C LYS B 74 23.05 20.73 -17.06
N LEU B 75 24.10 20.04 -17.50
CA LEU B 75 25.31 20.68 -18.03
C LEU B 75 25.17 20.73 -19.55
N VAL B 76 25.07 21.94 -20.09
CA VAL B 76 24.96 22.13 -21.54
C VAL B 76 26.33 22.46 -22.10
N LEU B 77 26.64 21.88 -23.26
CA LEU B 77 27.96 22.05 -23.86
C LEU B 77 27.95 23.21 -24.86
N SER B 78 29.07 23.40 -25.56
CA SER B 78 29.16 24.48 -26.52
C SER B 78 28.38 24.21 -27.80
N ASP B 79 28.24 22.93 -28.18
CA ASP B 79 27.52 22.60 -29.40
C ASP B 79 26.01 22.69 -29.20
N GLY B 80 25.52 22.24 -28.06
CA GLY B 80 24.11 22.32 -27.75
C GLY B 80 23.62 21.08 -27.03
N ARG B 81 24.48 20.06 -26.93
CA ARG B 81 24.12 18.84 -26.25
C ARG B 81 24.03 19.07 -24.75
N GLU B 82 23.31 18.17 -24.08
CA GLU B 82 23.05 18.27 -22.65
C GLU B 82 23.45 16.97 -21.97
N VAL B 83 24.01 17.10 -20.77
CA VAL B 83 24.28 15.96 -19.89
C VAL B 83 23.54 16.21 -18.57
N SER B 84 22.62 15.31 -18.24
CA SER B 84 21.84 15.43 -17.01
C SER B 84 22.63 14.86 -15.84
N PHE B 85 22.85 15.68 -14.81
CA PHE B 85 23.57 15.25 -13.62
C PHE B 85 22.84 15.71 -12.37
N HIS B 86 23.19 15.10 -11.24
CA HIS B 86 22.61 15.37 -9.95
C HIS B 86 23.49 16.29 -9.13
N ARG B 87 22.86 17.18 -8.37
CA ARG B 87 23.61 18.21 -7.65
C ARG B 87 24.42 17.63 -6.50
N CYS B 88 23.89 16.62 -5.80
CA CYS B 88 24.57 16.12 -4.61
C CYS B 88 25.88 15.43 -4.97
N VAL B 89 25.86 14.57 -6.00
CA VAL B 89 27.06 13.80 -6.35
C VAL B 89 28.21 14.73 -6.72
N LEU B 90 27.94 15.69 -7.61
CA LEU B 90 29.00 16.59 -8.07
C LEU B 90 29.35 17.64 -7.04
N SER B 91 28.42 17.98 -6.14
CA SER B 91 28.74 18.85 -5.03
C SER B 91 29.66 18.16 -4.03
N ALA B 92 29.55 16.84 -3.91
CA ALA B 92 30.43 16.09 -3.03
C ALA B 92 31.79 15.84 -3.67
N ARG B 93 31.81 15.30 -4.89
CA ARG B 93 33.08 14.91 -5.49
C ARG B 93 33.89 16.12 -5.97
N SER B 94 33.22 17.14 -6.51
CA SER B 94 33.90 18.29 -7.08
C SER B 94 33.63 19.53 -6.22
N SER B 95 34.70 20.15 -5.71
CA SER B 95 34.54 21.42 -5.00
C SER B 95 34.19 22.54 -5.96
N PHE B 96 34.70 22.49 -7.19
CA PHE B 96 34.32 23.47 -8.20
C PHE B 96 32.83 23.41 -8.47
N PHE B 97 32.29 22.20 -8.63
CA PHE B 97 30.87 22.07 -8.89
C PHE B 97 30.05 22.49 -7.68
N LYS B 98 30.57 22.24 -6.48
CA LYS B 98 29.87 22.70 -5.27
C LYS B 98 29.77 24.22 -5.26
N SER B 99 30.89 24.91 -5.50
CA SER B 99 30.86 26.38 -5.49
C SER B 99 30.02 26.93 -6.64
N ALA B 100 30.00 26.24 -7.79
CA ALA B 100 29.24 26.74 -8.92
C ALA B 100 27.75 26.54 -8.71
N LEU B 101 27.35 25.40 -8.15
CA LEU B 101 25.93 25.18 -7.91
C LEU B 101 25.43 26.03 -6.75
N ALA B 102 26.29 26.27 -5.75
CA ALA B 102 25.94 27.17 -4.66
C ALA B 102 25.77 28.60 -5.16
N ALA B 103 26.53 29.00 -6.18
CA ALA B 103 26.35 30.35 -6.72
C ALA B 103 25.18 30.43 -7.69
N ALA B 104 24.93 29.36 -8.45
CA ALA B 104 23.81 29.36 -9.39
C ALA B 104 22.48 29.27 -8.67
N LYS B 105 22.44 28.60 -7.51
CA LYS B 105 21.21 28.50 -6.73
C LYS B 105 20.85 29.79 -6.00
N LYS B 106 21.72 30.78 -6.01
CA LYS B 106 21.43 32.06 -5.35
C LYS B 106 20.32 32.81 -6.07
N ALA B 115 15.28 22.53 -12.96
CA ALA B 115 15.53 23.89 -13.39
C ALA B 115 16.84 24.41 -12.79
N VAL B 116 17.94 23.77 -13.17
CA VAL B 116 19.29 24.26 -12.91
C VAL B 116 20.18 23.87 -14.09
N LYS B 117 20.76 24.87 -14.75
CA LYS B 117 21.54 24.65 -15.95
C LYS B 117 22.91 25.32 -15.81
N LEU B 118 23.95 24.60 -16.23
CA LEU B 118 25.32 25.08 -16.17
C LEU B 118 25.88 25.08 -17.59
N GLU B 119 26.32 26.24 -18.05
CA GLU B 119 26.91 26.35 -19.37
C GLU B 119 28.39 25.98 -19.28
N LEU B 120 28.75 24.87 -19.91
CA LEU B 120 30.14 24.43 -19.89
C LEU B 120 31.05 25.36 -20.68
N LYS B 121 30.52 26.02 -21.71
CA LYS B 121 31.32 26.94 -22.50
C LYS B 121 31.68 28.22 -21.74
N GLU B 122 31.11 28.42 -20.56
CA GLU B 122 31.37 29.61 -19.74
C GLU B 122 32.26 29.33 -18.54
N ILE B 123 32.03 28.23 -17.82
CA ILE B 123 32.85 27.95 -16.65
C ILE B 123 34.22 27.39 -17.06
N ALA B 124 34.30 26.73 -18.22
CA ALA B 124 35.60 26.34 -18.76
C ALA B 124 36.28 27.53 -19.44
N LYS B 125 35.76 27.94 -20.59
CA LYS B 125 36.12 29.15 -21.33
C LYS B 125 37.61 29.25 -21.66
N ASP B 126 38.36 28.15 -21.53
CA ASP B 126 39.77 28.16 -21.88
C ASP B 126 40.19 27.03 -22.82
N TYR B 127 39.32 26.05 -23.08
CA TYR B 127 39.66 24.94 -23.98
C TYR B 127 38.37 24.24 -24.40
N GLU B 128 38.08 24.28 -25.70
CA GLU B 128 36.88 23.64 -26.21
C GLU B 128 36.91 22.14 -25.98
N VAL B 129 35.93 21.62 -25.24
CA VAL B 129 35.87 20.22 -24.83
C VAL B 129 34.69 19.55 -25.51
N GLY B 130 34.92 18.36 -26.06
CA GLY B 130 33.88 17.60 -26.72
C GLY B 130 32.86 17.05 -25.74
N PHE B 131 32.02 16.17 -26.26
CA PHE B 131 30.94 15.59 -25.46
C PHE B 131 31.34 14.27 -24.83
N ASP B 132 32.11 13.45 -25.54
CA ASP B 132 32.50 12.16 -25.00
C ASP B 132 33.47 12.31 -23.83
N SER B 133 34.31 13.34 -23.86
CA SER B 133 35.19 13.62 -22.74
C SER B 133 34.38 14.02 -21.50
N VAL B 134 33.34 14.83 -21.70
CA VAL B 134 32.45 15.17 -20.59
C VAL B 134 31.76 13.93 -20.05
N VAL B 135 31.33 13.03 -20.95
CA VAL B 135 30.69 11.80 -20.49
C VAL B 135 31.66 10.97 -19.66
N THR B 136 32.92 10.89 -20.11
CA THR B 136 33.92 10.13 -19.36
C THR B 136 34.16 10.74 -17.98
N VAL B 137 34.29 12.07 -17.92
CA VAL B 137 34.56 12.72 -16.64
C VAL B 137 33.39 12.55 -15.68
N LEU B 138 32.16 12.71 -16.17
CA LEU B 138 31.00 12.51 -15.28
C LEU B 138 30.84 11.05 -14.87
N ALA B 139 31.17 10.11 -15.75
CA ALA B 139 31.10 8.70 -15.37
C ALA B 139 32.11 8.38 -14.29
N TYR B 140 33.32 8.95 -14.38
CA TYR B 140 34.29 8.75 -13.32
C TYR B 140 33.87 9.44 -12.03
N VAL B 141 33.23 10.61 -12.13
CA VAL B 141 32.75 11.30 -10.94
C VAL B 141 31.69 10.47 -10.23
N TYR B 142 30.81 9.83 -11.00
CA TYR B 142 29.70 9.09 -10.40
C TYR B 142 30.15 7.74 -9.87
N SER B 143 30.84 6.95 -10.69
CA SER B 143 31.14 5.57 -10.36
C SER B 143 32.59 5.32 -9.99
N SER B 144 33.43 6.36 -10.02
CA SER B 144 34.85 6.25 -9.66
C SER B 144 35.59 5.25 -10.55
N ARG B 145 35.19 5.16 -11.82
CA ARG B 145 35.87 4.32 -12.79
C ARG B 145 35.85 5.03 -14.14
N VAL B 146 36.94 4.89 -14.89
CA VAL B 146 37.06 5.55 -16.19
C VAL B 146 36.27 4.76 -17.22
N ARG B 147 35.58 5.48 -18.10
CA ARG B 147 34.75 4.86 -19.14
C ARG B 147 35.32 5.20 -20.50
N PRO B 148 35.70 4.23 -21.32
CA PRO B 148 36.29 4.52 -22.62
C PRO B 148 35.26 5.12 -23.56
N PRO B 149 35.66 6.10 -24.38
CA PRO B 149 34.71 6.74 -25.29
C PRO B 149 34.29 5.78 -26.40
N PRO B 150 33.18 6.06 -27.08
CA PRO B 150 32.82 5.26 -28.26
C PRO B 150 33.94 5.29 -29.28
N LYS B 151 34.18 4.13 -29.90
CA LYS B 151 35.24 4.02 -30.91
C LYS B 151 34.98 4.99 -32.06
N GLY B 152 36.01 5.77 -32.39
CA GLY B 152 35.92 6.83 -33.39
C GLY B 152 36.29 8.20 -32.84
N VAL B 153 36.04 8.43 -31.55
CA VAL B 153 36.39 9.70 -30.92
C VAL B 153 37.87 9.75 -30.57
N SER B 154 38.41 8.67 -30.02
CA SER B 154 39.83 8.60 -29.68
C SER B 154 40.62 7.76 -30.67
N GLU B 155 40.13 7.68 -31.91
CA GLU B 155 40.77 6.89 -32.95
C GLU B 155 40.79 7.70 -34.23
N CYS B 156 41.85 7.50 -35.03
CA CYS B 156 42.04 8.22 -36.27
C CYS B 156 41.58 7.34 -37.44
N ALA B 157 41.65 7.90 -38.64
CA ALA B 157 41.14 7.24 -39.83
C ALA B 157 42.17 6.30 -40.47
N ASP B 158 43.33 6.13 -39.85
CA ASP B 158 44.35 5.23 -40.36
C ASP B 158 44.16 3.85 -39.72
N GLU B 159 43.84 2.86 -40.55
CA GLU B 159 43.62 1.51 -40.04
C GLU B 159 44.91 0.86 -39.57
N ASN B 160 46.07 1.41 -39.96
CA ASN B 160 47.35 0.92 -39.46
C ASN B 160 47.76 1.57 -38.15
N CYS B 161 47.16 2.71 -37.79
CA CYS B 161 47.51 3.39 -36.55
C CYS B 161 46.95 2.64 -35.36
N CYS B 162 47.77 2.55 -34.31
CA CYS B 162 47.34 1.95 -33.05
C CYS B 162 46.56 2.92 -32.17
N HIS B 163 46.44 4.18 -32.58
CA HIS B 163 45.68 5.20 -31.84
C HIS B 163 46.21 5.38 -30.43
N VAL B 164 47.54 5.29 -30.29
CA VAL B 164 48.21 5.61 -29.05
C VAL B 164 48.72 7.04 -29.05
N ALA B 165 49.24 7.51 -30.19
CA ALA B 165 49.80 8.84 -30.29
C ALA B 165 49.20 9.69 -31.41
N CYS B 166 48.19 9.18 -32.13
CA CYS B 166 47.59 9.96 -33.20
C CYS B 166 46.79 11.13 -32.63
N ARG B 167 46.45 12.07 -33.50
CA ARG B 167 45.86 13.33 -33.06
C ARG B 167 44.51 13.16 -32.36
N PRO B 168 43.58 12.32 -32.81
CA PRO B 168 42.31 12.19 -32.05
C PRO B 168 42.50 11.73 -30.62
N ALA B 169 43.34 10.72 -30.38
CA ALA B 169 43.56 10.23 -29.03
C ALA B 169 44.19 11.30 -28.15
N VAL B 170 45.19 12.01 -28.68
CA VAL B 170 45.83 13.07 -27.91
C VAL B 170 44.84 14.18 -27.60
N ASP B 171 43.98 14.53 -28.56
CA ASP B 171 42.99 15.57 -28.33
C ASP B 171 42.00 15.16 -27.25
N PHE B 172 41.55 13.91 -27.28
CA PHE B 172 40.62 13.43 -26.26
C PHE B 172 41.29 13.44 -24.88
N MET B 173 42.55 12.99 -24.81
CA MET B 173 43.24 12.99 -23.52
C MET B 173 43.40 14.41 -23.00
N LEU B 174 43.74 15.35 -23.88
CA LEU B 174 43.91 16.75 -23.48
C LEU B 174 42.60 17.32 -22.95
N GLU B 175 41.50 17.05 -23.65
CA GLU B 175 40.21 17.57 -23.21
C GLU B 175 39.80 16.97 -21.87
N VAL B 176 39.99 15.66 -21.68
CA VAL B 176 39.60 15.06 -20.42
C VAL B 176 40.47 15.58 -19.28
N LEU B 177 41.76 15.78 -19.53
CA LEU B 177 42.64 16.32 -18.50
C LEU B 177 42.26 17.74 -18.13
N TYR B 178 41.93 18.56 -19.13
CA TYR B 178 41.49 19.92 -18.83
C TYR B 178 40.18 19.91 -18.04
N LEU B 179 39.27 18.99 -18.37
CA LEU B 179 38.04 18.89 -17.60
C LEU B 179 38.32 18.49 -16.16
N ALA B 180 39.23 17.53 -15.95
CA ALA B 180 39.60 17.13 -14.60
C ALA B 180 40.27 18.26 -13.83
N PHE B 181 41.03 19.11 -14.52
CA PHE B 181 41.66 20.25 -13.86
C PHE B 181 40.61 21.28 -13.45
N ILE B 182 39.68 21.59 -14.36
CA ILE B 182 38.65 22.58 -14.06
C ILE B 182 37.73 22.09 -12.94
N PHE B 183 37.41 20.80 -12.95
CA PHE B 183 36.50 20.23 -11.96
C PHE B 183 37.17 19.93 -10.63
N LYS B 184 38.48 20.10 -10.51
CA LYS B 184 39.24 19.85 -9.28
C LYS B 184 39.08 18.41 -8.81
N ILE B 185 39.58 17.50 -9.64
CA ILE B 185 39.65 16.08 -9.33
C ILE B 185 41.10 15.64 -9.46
N PRO B 186 41.81 15.44 -8.36
CA PRO B 186 43.26 15.22 -8.44
C PRO B 186 43.65 13.83 -8.94
N GLU B 187 42.83 12.83 -8.63
CA GLU B 187 43.14 11.47 -9.08
C GLU B 187 43.08 11.36 -10.60
N LEU B 188 42.00 11.88 -11.20
CA LEU B 188 41.89 11.86 -12.67
C LEU B 188 42.97 12.71 -13.30
N ILE B 189 43.31 13.84 -12.68
CA ILE B 189 44.36 14.71 -13.20
C ILE B 189 45.69 13.96 -13.25
N THR B 190 46.03 13.26 -12.16
CA THR B 190 47.27 12.52 -12.13
C THR B 190 47.26 11.35 -13.11
N LEU B 191 46.13 10.65 -13.21
CA LEU B 191 46.04 9.52 -14.12
C LEU B 191 46.30 9.96 -15.56
N TYR B 192 45.59 10.98 -16.04
CA TYR B 192 45.80 11.39 -17.42
C TYR B 192 47.07 12.20 -17.62
N GLN B 193 47.59 12.86 -16.59
CA GLN B 193 48.92 13.44 -16.70
C GLN B 193 49.97 12.36 -16.93
N ARG B 194 49.85 11.23 -16.22
CA ARG B 194 50.77 10.12 -16.46
C ARG B 194 50.59 9.55 -17.86
N HIS B 195 49.34 9.42 -18.31
CA HIS B 195 49.12 8.94 -19.68
C HIS B 195 49.77 9.87 -20.72
N LEU B 196 49.60 11.18 -20.53
CA LEU B 196 50.19 12.11 -21.49
C LEU B 196 51.71 12.09 -21.39
N LEU B 197 52.25 11.86 -20.19
CA LEU B 197 53.70 11.83 -20.08
C LEU B 197 54.25 10.59 -20.78
N ASP B 198 53.53 9.46 -20.65
CA ASP B 198 53.90 8.25 -21.36
C ASP B 198 53.73 8.37 -22.87
N VAL B 199 52.95 9.34 -23.35
CA VAL B 199 52.62 9.38 -24.76
C VAL B 199 53.36 10.50 -25.52
N VAL B 200 53.72 11.61 -24.86
CA VAL B 200 54.27 12.75 -25.59
C VAL B 200 55.53 12.38 -26.39
N ASP B 201 56.27 11.38 -25.92
CA ASP B 201 57.50 11.02 -26.63
C ASP B 201 57.24 10.42 -28.00
N LYS B 202 56.03 9.91 -28.26
CA LYS B 202 55.71 9.32 -29.55
C LYS B 202 54.73 10.16 -30.36
N VAL B 203 54.44 11.39 -29.92
CA VAL B 203 53.50 12.25 -30.62
C VAL B 203 54.27 13.22 -31.51
N VAL B 204 53.68 13.56 -32.66
CA VAL B 204 54.29 14.52 -33.57
C VAL B 204 54.41 15.87 -32.88
N ILE B 205 55.49 16.59 -33.19
CA ILE B 205 55.83 17.82 -32.49
C ILE B 205 54.73 18.87 -32.65
N GLU B 206 54.08 18.92 -33.81
CA GLU B 206 53.01 19.89 -34.01
C GLU B 206 51.86 19.66 -33.06
N ASP B 207 51.64 18.41 -32.64
CA ASP B 207 50.66 18.13 -31.60
C ASP B 207 51.26 18.34 -30.21
N THR B 208 52.57 18.14 -30.07
CA THR B 208 53.24 18.46 -28.82
C THR B 208 53.09 19.94 -28.49
N LEU B 209 52.98 20.80 -29.49
CA LEU B 209 52.72 22.21 -29.25
C LEU B 209 51.40 22.40 -28.51
N VAL B 210 50.34 21.72 -28.98
CA VAL B 210 49.04 21.83 -28.32
C VAL B 210 49.09 21.21 -26.94
N ILE B 211 49.82 20.10 -26.79
CA ILE B 211 49.94 19.48 -25.47
C ILE B 211 50.61 20.42 -24.49
N LEU B 212 51.67 21.11 -24.93
CA LEU B 212 52.34 22.07 -24.07
C LEU B 212 51.45 23.27 -23.79
N LYS B 213 50.66 23.69 -24.77
CA LYS B 213 49.68 24.76 -24.52
C LYS B 213 48.73 24.37 -23.40
N LEU B 214 48.18 23.17 -23.46
CA LEU B 214 47.27 22.72 -22.41
C LEU B 214 47.97 22.62 -21.07
N ALA B 215 49.21 22.13 -21.06
CA ALA B 215 49.96 22.03 -19.81
C ALA B 215 50.19 23.40 -19.20
N ASN B 216 50.46 24.41 -20.04
CA ASN B 216 50.61 25.77 -19.53
C ASN B 216 49.28 26.32 -19.02
N ILE B 217 48.18 26.02 -19.70
CA ILE B 217 46.88 26.53 -19.25
C ILE B 217 46.48 25.89 -17.93
N CYS B 218 46.82 24.62 -17.72
CA CYS B 218 46.37 23.88 -16.55
C CYS B 218 47.13 24.24 -15.28
N GLY B 219 47.87 25.35 -15.27
CA GLY B 219 48.51 25.84 -14.06
C GLY B 219 49.57 24.88 -13.53
N LYS B 220 49.77 24.94 -12.22
CA LYS B 220 50.79 24.14 -11.55
C LYS B 220 50.37 22.69 -11.31
N ALA B 221 49.16 22.31 -11.73
CA ALA B 221 48.72 20.92 -11.56
C ALA B 221 49.38 19.97 -12.54
N CYS B 222 50.11 20.49 -13.53
CA CYS B 222 50.77 19.66 -14.54
C CYS B 222 52.22 20.14 -14.69
N MET B 223 52.95 20.16 -13.58
CA MET B 223 54.35 20.59 -13.62
C MET B 223 55.20 19.60 -14.39
N LYS B 224 55.00 18.30 -14.16
CA LYS B 224 55.78 17.29 -14.87
C LYS B 224 55.53 17.36 -16.38
N LEU B 225 54.27 17.44 -16.78
CA LEU B 225 53.93 17.53 -18.19
C LEU B 225 54.50 18.79 -18.81
N LEU B 226 54.38 19.93 -18.11
CA LEU B 226 54.89 21.19 -18.65
C LEU B 226 56.41 21.13 -18.82
N ASP B 227 57.11 20.59 -17.82
CA ASP B 227 58.57 20.50 -17.91
C ASP B 227 59.00 19.56 -19.04
N ARG B 228 58.33 18.42 -19.17
CA ARG B 228 58.67 17.48 -20.24
C ARG B 228 58.41 18.10 -21.61
N CYS B 229 57.30 18.83 -21.76
CA CYS B 229 56.99 19.46 -23.04
C CYS B 229 58.00 20.56 -23.36
N LYS B 230 58.37 21.37 -22.36
CA LYS B 230 59.38 22.39 -22.61
C LYS B 230 60.71 21.77 -23.00
N GLU B 231 61.09 20.67 -22.34
CA GLU B 231 62.34 19.99 -22.68
C GLU B 231 62.30 19.44 -24.10
N ILE B 232 61.20 18.79 -24.48
CA ILE B 232 61.11 18.23 -25.83
C ILE B 232 61.15 19.34 -26.88
N ILE B 233 60.49 20.48 -26.60
CA ILE B 233 60.46 21.55 -27.59
C ILE B 233 61.83 22.19 -27.73
N VAL B 234 62.51 22.47 -26.61
CA VAL B 234 63.83 23.08 -26.71
C VAL B 234 64.87 22.11 -27.23
N LYS B 235 64.62 20.81 -27.13
CA LYS B 235 65.57 19.84 -27.67
C LYS B 235 65.50 19.78 -29.18
N SER B 236 64.32 19.93 -29.76
CA SER B 236 64.16 19.89 -31.20
C SER B 236 64.53 21.24 -31.81
N ASN B 237 64.49 21.31 -33.14
CA ASN B 237 64.80 22.55 -33.84
C ASN B 237 63.53 23.22 -34.37
N VAL B 238 62.58 23.50 -33.49
CA VAL B 238 61.33 24.14 -33.91
C VAL B 238 61.61 25.62 -34.18
N ASP B 239 61.12 26.11 -35.31
CA ASP B 239 61.30 27.52 -35.64
C ASP B 239 60.61 28.42 -34.63
N MET B 240 61.15 29.64 -34.49
CA MET B 240 60.57 30.61 -33.56
C MET B 240 59.24 31.14 -34.05
N VAL B 241 59.08 31.25 -35.37
CA VAL B 241 57.85 31.77 -35.98
C VAL B 241 56.61 31.10 -35.41
N SER B 242 56.52 29.77 -35.59
CA SER B 242 55.37 29.01 -35.09
C SER B 242 55.15 29.22 -33.60
N LEU B 243 56.22 29.15 -32.81
CA LEU B 243 56.09 29.35 -31.37
C LEU B 243 55.46 30.70 -31.05
N GLU B 244 55.98 31.77 -31.63
CA GLU B 244 55.46 33.10 -31.38
C GLU B 244 54.02 33.26 -31.88
N LYS B 245 53.67 32.57 -32.96
CA LYS B 245 52.32 32.69 -33.51
C LYS B 245 51.35 31.69 -32.87
N SER B 246 51.80 30.87 -31.93
CA SER B 246 50.93 29.91 -31.28
C SER B 246 51.01 30.04 -29.77
N LEU B 247 52.22 29.90 -29.22
CA LEU B 247 52.41 30.00 -27.79
C LEU B 247 52.28 31.46 -27.34
N PRO B 248 51.90 31.70 -26.09
CA PRO B 248 51.83 33.08 -25.58
C PRO B 248 53.20 33.72 -25.49
N GLU B 249 53.20 35.04 -25.26
CA GLU B 249 54.43 35.81 -25.29
C GLU B 249 55.39 35.39 -24.18
N GLU B 250 54.87 35.24 -22.96
CA GLU B 250 55.75 34.90 -21.85
C GLU B 250 56.31 33.50 -22.02
N LEU B 251 55.53 32.60 -22.64
CA LEU B 251 55.99 31.23 -22.83
C LEU B 251 57.11 31.17 -23.85
N VAL B 252 56.94 31.85 -24.99
CA VAL B 252 57.99 31.86 -26.00
C VAL B 252 59.24 32.53 -25.45
N LYS B 253 59.07 33.62 -24.69
CA LYS B 253 60.24 34.29 -24.12
C LYS B 253 60.98 33.38 -23.16
N GLU B 254 60.25 32.65 -22.31
CA GLU B 254 60.89 31.71 -21.40
C GLU B 254 61.61 30.60 -22.17
N ILE B 255 60.96 30.08 -23.22
CA ILE B 255 61.55 29.00 -24.00
C ILE B 255 62.83 29.47 -24.67
N ILE B 256 62.82 30.69 -25.22
CA ILE B 256 64.03 31.22 -25.87
C ILE B 256 65.13 31.45 -24.85
N ASP B 257 64.76 31.94 -23.66
CA ASP B 257 65.75 32.15 -22.61
C ASP B 257 66.40 30.84 -22.20
N ARG B 258 65.58 29.79 -22.03
CA ARG B 258 66.12 28.49 -21.65
C ARG B 258 66.97 27.89 -22.77
N ARG B 259 66.56 28.09 -24.02
CA ARG B 259 67.38 27.61 -25.14
C ARG B 259 68.73 28.32 -25.18
N LYS B 260 68.75 29.61 -24.87
CA LYS B 260 70.01 30.35 -24.89
C LYS B 260 70.90 29.96 -23.72
N GLU B 261 70.33 29.83 -22.51
CA GLU B 261 71.13 29.55 -21.33
C GLU B 261 71.59 28.09 -21.25
N LEU B 262 70.90 27.17 -21.94
CA LEU B 262 71.26 25.75 -21.88
C LEU B 262 72.36 25.37 -22.85
N GLY B 263 72.96 26.34 -23.55
CA GLY B 263 73.99 26.05 -24.52
C GLY B 263 73.51 25.67 -25.90
N LEU B 264 72.23 25.33 -26.05
CA LEU B 264 71.70 24.99 -27.37
C LEU B 264 71.70 26.21 -28.27
N GLU B 265 71.91 25.97 -29.56
CA GLU B 265 72.03 27.08 -30.51
C GLU B 265 70.66 27.70 -30.75
N VAL B 266 70.61 29.03 -30.78
CA VAL B 266 69.40 29.79 -31.11
C VAL B 266 69.69 30.81 -32.19
N PRO B 267 69.54 30.47 -33.47
CA PRO B 267 69.93 31.40 -34.53
C PRO B 267 69.09 32.66 -34.51
N LYS B 268 69.71 33.78 -34.88
CA LYS B 268 69.02 35.06 -34.94
C LYS B 268 67.98 35.03 -36.06
N VAL B 269 66.81 35.59 -35.78
CA VAL B 269 65.76 35.64 -36.79
C VAL B 269 66.23 36.56 -37.92
N LYS B 270 66.26 36.02 -39.14
CA LYS B 270 66.70 36.80 -40.29
C LYS B 270 65.79 37.99 -40.52
N LYS B 271 66.39 39.16 -40.70
CA LYS B 271 65.62 40.41 -40.79
C LYS B 271 64.69 40.37 -42.00
N HIS B 272 65.23 40.02 -43.17
CA HIS B 272 64.42 39.96 -44.38
C HIS B 272 63.38 38.85 -44.30
N VAL B 273 63.72 37.72 -43.68
CA VAL B 273 62.72 36.67 -43.47
C VAL B 273 61.60 37.16 -42.57
N SER B 274 61.94 37.92 -41.53
CA SER B 274 60.91 38.50 -40.68
C SER B 274 60.04 39.50 -41.43
N ASN B 275 60.66 40.29 -42.31
CA ASN B 275 59.90 41.22 -43.13
C ASN B 275 58.95 40.48 -44.07
N VAL B 276 59.42 39.39 -44.67
CA VAL B 276 58.58 38.58 -45.54
C VAL B 276 57.42 37.98 -44.78
N HIS B 277 57.68 37.48 -43.56
CA HIS B 277 56.62 36.88 -42.75
C HIS B 277 55.58 37.92 -42.34
N LYS B 278 56.02 39.12 -41.96
CA LYS B 278 55.08 40.17 -41.59
C LYS B 278 54.28 40.63 -42.80
N ALA B 279 54.92 40.72 -43.96
CA ALA B 279 54.21 41.07 -45.18
C ALA B 279 53.21 39.99 -45.56
N LEU B 280 53.52 38.72 -45.28
CA LEU B 280 52.60 37.64 -45.58
C LEU B 280 51.40 37.66 -44.63
N ASP B 281 51.61 37.98 -43.35
CA ASP B 281 50.49 37.98 -42.42
C ASP B 281 49.50 39.09 -42.74
N SER B 282 49.97 40.24 -43.20
CA SER B 282 49.11 41.33 -43.64
C SER B 282 48.83 41.13 -45.12
N ASP B 283 47.57 40.85 -45.48
CA ASP B 283 47.26 40.71 -46.89
C ASP B 283 47.63 41.97 -47.66
N ASP B 284 48.76 41.92 -48.38
CA ASP B 284 49.20 43.04 -49.22
C ASP B 284 50.17 42.42 -50.24
N ILE B 285 49.63 41.98 -51.37
CA ILE B 285 50.44 41.35 -52.41
C ILE B 285 51.40 42.33 -53.06
N GLU B 286 51.07 43.63 -53.06
CA GLU B 286 52.00 44.61 -53.65
C GLU B 286 53.24 44.78 -52.79
N LEU B 287 53.09 44.73 -51.47
CA LEU B 287 54.28 44.78 -50.62
C LEU B 287 55.14 43.54 -50.80
N VAL B 288 54.51 42.39 -51.02
CA VAL B 288 55.29 41.18 -51.30
C VAL B 288 56.05 41.31 -52.61
N LYS B 289 55.41 41.85 -53.65
CA LYS B 289 56.12 42.07 -54.90
C LYS B 289 57.28 43.06 -54.72
N LEU B 290 57.06 44.12 -53.94
CA LEU B 290 58.13 45.08 -53.69
C LEU B 290 59.29 44.42 -52.95
N LEU B 291 59.00 43.59 -51.95
CA LEU B 291 60.07 42.93 -51.21
C LEU B 291 60.81 41.91 -52.09
N LEU B 292 60.11 41.23 -52.99
CA LEU B 292 60.77 40.27 -53.86
C LEU B 292 61.57 40.93 -54.98
N LYS B 293 61.18 42.14 -55.40
CA LYS B 293 61.91 42.82 -56.47
C LYS B 293 63.31 43.28 -56.03
N GLU B 294 63.63 43.22 -54.74
CA GLU B 294 64.94 43.64 -54.26
C GLU B 294 66.01 42.57 -54.41
N ASP B 295 65.64 41.35 -54.84
CA ASP B 295 66.59 40.26 -55.08
C ASP B 295 67.31 39.82 -53.81
N HIS B 296 66.96 40.42 -52.67
CA HIS B 296 67.57 40.08 -51.39
C HIS B 296 66.86 38.94 -50.68
N THR B 297 65.75 38.45 -51.20
CA THR B 297 64.98 37.40 -50.55
C THR B 297 64.74 36.26 -51.53
N ASN B 298 64.46 35.08 -50.97
CA ASN B 298 64.09 33.91 -51.74
C ASN B 298 63.02 33.15 -50.97
N LEU B 299 61.94 32.77 -51.67
CA LEU B 299 60.83 32.11 -51.00
C LEU B 299 61.24 30.75 -50.45
N ASP B 300 62.14 30.05 -51.13
CA ASP B 300 62.59 28.75 -50.63
C ASP B 300 63.49 28.91 -49.41
N ASP B 301 64.34 29.94 -49.40
CA ASP B 301 65.20 30.21 -48.26
C ASP B 301 64.41 30.67 -47.04
N ALA B 302 63.20 31.20 -47.24
CA ALA B 302 62.36 31.65 -46.15
C ALA B 302 61.23 30.68 -45.80
N CYS B 303 61.06 29.61 -46.59
CA CYS B 303 59.94 28.68 -46.44
C CYS B 303 58.60 29.42 -46.46
N ALA B 304 58.48 30.35 -47.42
CA ALA B 304 57.26 31.15 -47.52
C ALA B 304 56.05 30.30 -47.88
N LEU B 305 56.23 29.27 -48.70
CA LEU B 305 55.13 28.36 -49.01
C LEU B 305 54.64 27.64 -47.76
N HIS B 306 55.58 27.14 -46.94
CA HIS B 306 55.19 26.49 -45.69
C HIS B 306 54.44 27.44 -44.77
N PHE B 307 54.93 28.67 -44.64
CA PHE B 307 54.27 29.66 -43.79
C PHE B 307 52.86 29.96 -44.29
N ALA B 308 52.72 30.20 -45.60
CA ALA B 308 51.41 30.54 -46.16
C ALA B 308 50.43 29.39 -46.05
N VAL B 309 50.92 28.15 -46.19
CA VAL B 309 50.01 27.01 -46.10
C VAL B 309 49.64 26.69 -44.65
N ALA B 310 50.56 26.93 -43.71
CA ALA B 310 50.30 26.57 -42.32
C ALA B 310 49.47 27.62 -41.59
N TYR B 311 49.81 28.91 -41.77
CA TYR B 311 49.23 29.95 -40.92
C TYR B 311 48.46 31.02 -41.67
N CYS B 312 48.61 31.12 -42.99
CA CYS B 312 47.97 32.18 -43.74
C CYS B 312 46.64 31.68 -44.33
N ASN B 313 45.94 32.58 -45.01
CA ASN B 313 44.66 32.26 -45.60
C ASN B 313 44.85 31.43 -46.87
N VAL B 314 43.74 30.85 -47.34
CA VAL B 314 43.79 29.97 -48.49
C VAL B 314 44.14 30.75 -49.75
N LYS B 315 43.50 31.91 -49.95
CA LYS B 315 43.72 32.69 -51.15
C LYS B 315 45.13 33.25 -51.21
N THR B 316 45.71 33.59 -50.05
CA THR B 316 47.09 34.06 -50.02
C THR B 316 48.05 32.98 -50.51
N ALA B 317 47.87 31.75 -50.02
CA ALA B 317 48.70 30.64 -50.48
C ALA B 317 48.47 30.35 -51.96
N THR B 318 47.21 30.46 -52.40
CA THR B 318 46.92 30.25 -53.83
C THR B 318 47.64 31.29 -54.69
N ASP B 319 47.64 32.54 -54.26
CA ASP B 319 48.33 33.58 -55.02
C ASP B 319 49.84 33.36 -55.00
N LEU B 320 50.40 33.03 -53.84
CA LEU B 320 51.83 32.76 -53.76
C LEU B 320 52.23 31.59 -54.64
N LEU B 321 51.35 30.59 -54.77
CA LEU B 321 51.63 29.48 -55.68
C LEU B 321 51.51 29.89 -57.14
N LYS B 322 50.50 30.69 -57.49
CA LYS B 322 50.39 31.14 -58.87
C LYS B 322 51.53 32.04 -59.29
N LEU B 323 52.22 32.69 -58.34
CA LEU B 323 53.40 33.46 -58.73
C LEU B 323 54.48 32.56 -59.31
N ASP B 324 54.50 31.28 -58.92
CA ASP B 324 55.47 30.30 -59.41
C ASP B 324 56.90 30.76 -59.16
N LEU B 325 57.17 31.16 -57.91
CA LEU B 325 58.47 31.69 -57.52
C LEU B 325 59.10 30.88 -56.39
N ALA B 326 58.66 29.64 -56.18
CA ALA B 326 59.18 28.84 -55.09
C ALA B 326 59.06 27.36 -55.44
N ASP B 327 60.00 26.57 -54.93
CA ASP B 327 60.01 25.13 -55.16
C ASP B 327 58.89 24.47 -54.36
N VAL B 328 58.02 23.73 -55.04
CA VAL B 328 56.90 23.09 -54.38
C VAL B 328 57.37 21.93 -53.49
N ASN B 329 58.35 21.17 -53.97
CA ASN B 329 58.88 20.03 -53.25
C ASN B 329 60.03 20.43 -52.32
N HIS B 330 60.11 21.69 -51.94
CA HIS B 330 61.19 22.15 -51.07
C HIS B 330 60.96 21.68 -49.64
N ARG B 331 62.06 21.39 -48.95
CA ARG B 331 62.02 20.85 -47.60
C ARG B 331 62.48 21.90 -46.60
N ASN B 332 61.69 22.09 -45.54
CA ASN B 332 62.00 23.09 -44.53
C ASN B 332 63.04 22.58 -43.57
N PRO B 333 63.64 23.46 -42.76
CA PRO B 333 64.59 22.99 -41.73
C PRO B 333 64.02 21.91 -40.81
N ARG B 334 62.72 21.93 -40.54
CA ARG B 334 62.12 20.90 -39.71
C ARG B 334 62.15 19.54 -40.40
N GLY B 335 62.11 19.52 -41.73
CA GLY B 335 62.13 18.29 -42.49
C GLY B 335 60.86 17.93 -43.20
N TYR B 336 59.91 18.86 -43.34
CA TYR B 336 58.63 18.59 -43.94
C TYR B 336 58.53 19.30 -45.29
N THR B 337 57.82 18.68 -46.22
CA THR B 337 57.51 19.31 -47.50
C THR B 337 56.20 20.10 -47.40
N VAL B 338 55.90 20.82 -48.48
CA VAL B 338 54.68 21.62 -48.53
C VAL B 338 53.44 20.73 -48.57
N LEU B 339 53.55 19.53 -49.16
CA LEU B 339 52.41 18.62 -49.19
C LEU B 339 52.05 18.12 -47.79
N HIS B 340 53.06 17.83 -46.98
CA HIS B 340 52.80 17.41 -45.60
C HIS B 340 52.14 18.52 -44.80
N VAL B 341 52.61 19.76 -44.98
CA VAL B 341 52.01 20.88 -44.28
C VAL B 341 50.59 21.11 -44.74
N ALA B 342 50.33 20.93 -46.05
CA ALA B 342 48.96 21.06 -46.55
C ALA B 342 48.06 19.98 -46.00
N ALA B 343 48.57 18.75 -45.86
CA ALA B 343 47.78 17.67 -45.27
C ALA B 343 47.49 17.94 -43.81
N MET B 344 48.46 18.52 -43.09
CA MET B 344 48.21 18.88 -41.69
C MET B 344 47.21 20.01 -41.58
N ARG B 345 47.27 20.99 -42.49
CA ARG B 345 46.38 22.15 -42.42
C ARG B 345 44.93 21.77 -42.72
N LYS B 346 44.72 20.73 -43.55
CA LYS B 346 43.39 20.23 -43.89
C LYS B 346 42.60 21.26 -44.70
N GLU B 347 43.19 21.74 -45.78
CA GLU B 347 42.52 22.67 -46.69
C GLU B 347 42.54 22.09 -48.10
N PRO B 348 41.38 21.76 -48.68
CA PRO B 348 41.39 21.06 -49.97
C PRO B 348 41.89 21.91 -51.12
N GLN B 349 41.61 23.22 -51.12
CA GLN B 349 42.06 24.07 -52.23
C GLN B 349 43.58 24.07 -52.33
N LEU B 350 44.27 24.15 -51.20
CA LEU B 350 45.73 24.17 -51.21
C LEU B 350 46.28 22.85 -51.75
N ILE B 351 45.68 21.72 -51.35
CA ILE B 351 46.14 20.43 -51.82
C ILE B 351 45.91 20.30 -53.34
N LEU B 352 44.74 20.75 -53.80
CA LEU B 352 44.46 20.66 -55.24
C LEU B 352 45.41 21.53 -56.04
N SER B 353 45.67 22.75 -55.57
CA SER B 353 46.61 23.63 -56.28
C SER B 353 48.04 23.09 -56.22
N LEU B 354 48.41 22.41 -55.14
CA LEU B 354 49.74 21.81 -55.05
C LEU B 354 49.89 20.67 -56.04
N LEU B 355 48.92 19.75 -56.07
CA LEU B 355 49.00 18.62 -57.00
C LEU B 355 48.93 19.11 -58.45
N GLU B 356 48.09 20.11 -58.72
CA GLU B 356 48.00 20.66 -60.07
C GLU B 356 49.24 21.43 -60.48
N LYS B 357 50.14 21.75 -59.55
CA LYS B 357 51.36 22.48 -59.87
C LYS B 357 52.58 21.58 -59.99
N GLY B 358 52.48 20.31 -59.58
CA GLY B 358 53.60 19.40 -59.73
C GLY B 358 54.14 18.86 -58.43
N ALA B 359 53.26 18.69 -57.44
CA ALA B 359 53.65 18.19 -56.14
C ALA B 359 53.84 16.67 -56.18
N SER B 360 55.02 16.22 -55.76
CA SER B 360 55.31 14.78 -55.72
C SER B 360 54.81 14.20 -54.40
N ALA B 361 53.91 13.23 -54.49
CA ALA B 361 53.28 12.62 -53.32
C ALA B 361 54.05 11.45 -52.75
N SER B 362 55.08 10.96 -53.46
CA SER B 362 55.84 9.80 -53.00
C SER B 362 56.91 10.15 -51.97
N GLU B 363 57.14 11.43 -51.70
CA GLU B 363 58.16 11.82 -50.74
C GLU B 363 57.68 11.57 -49.32
N ALA B 364 58.61 11.18 -48.46
CA ALA B 364 58.32 10.90 -47.05
C ALA B 364 59.09 11.87 -46.16
N THR B 365 58.62 12.01 -44.92
CA THR B 365 59.23 12.89 -43.95
C THR B 365 60.39 12.17 -43.26
N LEU B 366 60.87 12.74 -42.15
CA LEU B 366 61.95 12.13 -41.40
C LEU B 366 61.51 10.82 -40.74
N GLU B 367 60.26 10.75 -40.31
CA GLU B 367 59.71 9.55 -39.68
C GLU B 367 59.16 8.55 -40.68
N GLY B 368 59.23 8.86 -41.97
CA GLY B 368 58.80 7.95 -43.01
C GLY B 368 57.35 8.05 -43.41
N ARG B 369 56.63 9.06 -42.94
CA ARG B 369 55.22 9.22 -43.27
C ARG B 369 55.08 10.10 -44.51
N THR B 370 54.29 9.63 -45.47
CA THR B 370 53.92 10.46 -46.61
C THR B 370 52.69 11.28 -46.28
N ALA B 371 52.31 12.16 -47.21
CA ALA B 371 51.17 13.04 -46.99
C ALA B 371 49.87 12.28 -46.75
N LEU B 372 49.72 11.10 -47.38
CA LEU B 372 48.50 10.32 -47.18
C LEU B 372 48.36 9.84 -45.73
N MET B 373 49.44 9.31 -45.14
CA MET B 373 49.34 8.88 -43.75
C MET B 373 49.13 10.07 -42.81
N ILE B 374 49.73 11.22 -43.10
CA ILE B 374 49.51 12.39 -42.26
C ILE B 374 48.06 12.85 -42.34
N ALA B 375 47.51 12.91 -43.55
CA ALA B 375 46.11 13.30 -43.70
C ALA B 375 45.18 12.29 -43.04
N LYS B 376 45.56 11.01 -43.02
CA LYS B 376 44.76 10.01 -42.32
C LYS B 376 44.82 10.23 -40.81
N GLN B 377 46.03 10.38 -40.27
CA GLN B 377 46.24 10.53 -38.83
C GLN B 377 45.79 11.90 -38.32
N ALA B 378 45.44 12.83 -39.21
CA ALA B 378 44.97 14.14 -38.81
C ALA B 378 43.44 14.26 -38.81
N THR B 379 42.73 13.30 -39.40
CA THR B 379 41.28 13.39 -39.53
C THR B 379 40.63 12.42 -38.54
N MET B 380 39.48 12.83 -38.01
CA MET B 380 38.73 11.99 -37.10
C MET B 380 38.10 10.81 -37.82
N ALA B 381 37.96 9.69 -37.10
CA ALA B 381 37.42 8.48 -37.70
C ALA B 381 35.92 8.60 -37.94
N VAL B 382 35.23 9.43 -37.15
CA VAL B 382 33.79 9.57 -37.30
C VAL B 382 33.43 10.32 -38.58
N GLU B 383 34.36 11.13 -39.10
CA GLU B 383 34.09 11.91 -40.30
C GLU B 383 34.07 11.04 -41.57
N CYS B 384 34.65 9.85 -41.53
CA CYS B 384 34.70 8.97 -42.70
C CYS B 384 33.84 7.72 -42.53
N ASN B 385 32.86 7.72 -41.64
CA ASN B 385 32.02 6.55 -41.45
C ASN B 385 30.95 6.47 -42.54
N SER B 394 31.90 18.35 -38.51
CA SER B 394 32.48 18.95 -39.70
C SER B 394 33.04 17.89 -40.65
N LEU B 395 32.63 17.96 -41.92
CA LEU B 395 33.09 17.03 -42.93
C LEU B 395 34.18 17.61 -43.82
N LYS B 396 34.86 18.67 -43.37
CA LYS B 396 35.95 19.24 -44.15
C LYS B 396 37.15 18.30 -44.18
N GLY B 397 37.36 17.52 -43.11
CA GLY B 397 38.43 16.55 -43.09
C GLY B 397 38.19 15.40 -44.06
N ARG B 398 36.97 14.85 -44.02
CA ARG B 398 36.59 13.79 -44.96
C ARG B 398 36.78 14.22 -46.40
N LEU B 399 36.52 15.49 -46.72
CA LEU B 399 36.70 15.96 -48.08
C LEU B 399 38.17 15.84 -48.50
N CYS B 400 39.08 16.28 -47.64
CA CYS B 400 40.50 16.15 -47.93
C CYS B 400 40.91 14.69 -48.06
N VAL B 401 40.42 13.85 -47.15
CA VAL B 401 40.75 12.43 -47.20
C VAL B 401 40.30 11.82 -48.52
N GLU B 402 39.09 12.16 -48.97
CA GLU B 402 38.58 11.58 -50.21
C GLU B 402 39.30 12.14 -51.42
N ILE B 403 39.70 13.41 -51.40
CA ILE B 403 40.50 13.97 -52.48
C ILE B 403 41.84 13.26 -52.59
N LEU B 404 42.49 13.02 -51.45
CA LEU B 404 43.79 12.35 -51.46
C LEU B 404 43.65 10.88 -51.87
N GLU B 405 42.56 10.22 -51.46
CA GLU B 405 42.34 8.85 -51.89
C GLU B 405 42.06 8.76 -53.38
N GLN B 406 41.29 9.71 -53.93
CA GLN B 406 41.00 9.70 -55.35
C GLN B 406 42.25 9.99 -56.17
N GLU B 407 43.07 10.95 -55.72
CA GLU B 407 44.33 11.23 -56.41
C GLU B 407 45.30 10.07 -56.29
N ASP B 408 45.31 9.36 -55.16
CA ASP B 408 46.19 8.20 -55.02
C ASP B 408 45.78 7.07 -55.95
N LYS B 409 44.50 6.98 -56.32
CA LYS B 409 44.03 5.93 -57.20
C LYS B 409 44.48 6.13 -58.64
N ARG B 410 45.07 7.27 -58.98
CA ARG B 410 45.53 7.52 -60.34
C ARG B 410 47.05 7.67 -60.38
N ASN C 81 -52.36 6.59 7.54
CA ASN C 81 -52.57 6.36 8.96
C ASN C 81 -51.59 7.19 9.79
N SER C 82 -52.13 8.17 10.52
CA SER C 82 -51.29 9.01 11.36
C SER C 82 -50.62 8.20 12.46
N GLY C 83 -51.34 7.25 13.06
CA GLY C 83 -50.76 6.42 14.10
C GLY C 83 -49.61 5.57 13.60
N ILE C 84 -49.74 5.02 12.40
CA ILE C 84 -48.67 4.17 11.86
C ILE C 84 -47.47 5.01 11.45
N ALA C 85 -47.71 6.21 10.89
CA ALA C 85 -46.61 7.12 10.60
C ALA C 85 -45.87 7.50 11.88
N ALA C 86 -46.62 7.80 12.95
CA ALA C 86 -45.99 8.11 14.23
C ALA C 86 -45.19 6.92 14.73
N PHE C 87 -45.71 5.71 14.57
CA PHE C 87 -44.96 4.53 15.00
C PHE C 87 -43.66 4.41 14.23
N GLU C 88 -43.71 4.63 12.92
CA GLU C 88 -42.50 4.48 12.11
C GLU C 88 -41.46 5.55 12.44
N MET C 89 -41.89 6.79 12.70
CA MET C 89 -40.92 7.80 13.12
C MET C 89 -40.33 7.46 14.49
N GLU C 90 -41.15 7.00 15.44
CA GLU C 90 -40.61 6.59 16.73
C GLU C 90 -39.61 5.45 16.55
N TYR C 91 -39.89 4.52 15.64
CA TYR C 91 -38.98 3.40 15.45
C TYR C 91 -37.67 3.86 14.82
N THR C 92 -37.73 4.80 13.87
CA THR C 92 -36.52 5.39 13.33
C THR C 92 -35.67 6.01 14.43
N HIS C 93 -36.30 6.80 15.31
CA HIS C 93 -35.56 7.41 16.39
C HIS C 93 -35.04 6.36 17.37
N TRP C 94 -35.81 5.29 17.58
CA TRP C 94 -35.34 4.19 18.41
C TRP C 94 -34.08 3.56 17.83
N LEU C 95 -34.05 3.37 16.52
CA LEU C 95 -32.86 2.80 15.90
C LEU C 95 -31.66 3.73 16.07
N GLU C 96 -31.88 5.04 15.89
CA GLU C 96 -30.79 5.99 16.08
C GLU C 96 -30.26 5.94 17.51
N GLU C 97 -31.17 5.88 18.50
CA GLU C 97 -30.74 5.85 19.89
C GLU C 97 -30.08 4.52 20.23
N GLN C 98 -30.57 3.42 19.66
CA GLN C 98 -29.92 2.13 19.86
C GLN C 98 -28.49 2.16 19.35
N ASN C 99 -28.28 2.70 18.14
CA ASN C 99 -26.93 2.81 17.61
C ASN C 99 -26.06 3.68 18.52
N ARG C 100 -26.62 4.77 19.04
CA ARG C 100 -25.85 5.64 19.92
C ARG C 100 -25.48 4.93 21.22
N ARG C 101 -26.43 4.22 21.82
CA ARG C 101 -26.16 3.55 23.09
C ARG C 101 -25.20 2.38 22.91
N VAL C 102 -25.28 1.68 21.77
CA VAL C 102 -24.32 0.61 21.50
C VAL C 102 -22.92 1.19 21.33
N SER C 103 -22.79 2.30 20.61
CA SER C 103 -21.48 2.92 20.48
C SER C 103 -20.94 3.34 21.84
N GLU C 104 -21.80 3.91 22.69
CA GLU C 104 -21.35 4.34 24.01
C GLU C 104 -20.93 3.15 24.88
N ILE C 105 -21.67 2.04 24.83
CA ILE C 105 -21.29 0.92 25.67
C ILE C 105 -20.05 0.23 25.14
N ARG C 106 -19.87 0.21 23.81
CA ARG C 106 -18.62 -0.29 23.26
C ARG C 106 -17.43 0.53 23.73
N THR C 107 -17.54 1.87 23.60
CA THR C 107 -16.45 2.74 24.04
C THR C 107 -16.19 2.59 25.54
N ALA C 108 -17.25 2.44 26.33
CA ALA C 108 -17.08 2.33 27.77
C ALA C 108 -16.39 1.03 28.15
N LEU C 109 -16.79 -0.09 27.51
CA LEU C 109 -16.14 -1.35 27.79
C LEU C 109 -14.68 -1.32 27.36
N GLN C 110 -14.39 -0.68 26.22
CA GLN C 110 -13.01 -0.63 25.74
C GLN C 110 -12.15 0.26 26.62
N ALA C 111 -12.74 1.31 27.22
CA ALA C 111 -12.04 2.21 28.12
C ALA C 111 -11.95 1.68 29.54
N HIS C 112 -12.47 0.49 29.83
CA HIS C 112 -12.45 -0.11 31.16
C HIS C 112 -12.99 0.87 32.22
N ILE C 113 -14.20 1.36 31.97
CA ILE C 113 -14.85 2.27 32.90
C ILE C 113 -15.37 1.50 34.10
N GLY C 114 -15.64 2.21 35.20
CA GLY C 114 -16.01 1.56 36.43
C GLY C 114 -17.40 0.96 36.39
N ASP C 115 -17.64 0.06 37.35
CA ASP C 115 -18.88 -0.72 37.38
C ASP C 115 -20.12 0.16 37.46
N ILE C 116 -20.04 1.32 38.13
CA ILE C 116 -21.24 2.12 38.36
C ILE C 116 -21.75 2.72 37.05
N GLU C 117 -20.86 3.33 36.27
CA GLU C 117 -21.27 3.92 34.99
C GLU C 117 -21.70 2.83 34.01
N LEU C 118 -21.00 1.70 34.01
CA LEU C 118 -21.39 0.60 33.12
C LEU C 118 -22.78 0.08 33.49
N LYS C 119 -23.06 -0.05 34.78
CA LYS C 119 -24.39 -0.47 35.21
C LYS C 119 -25.45 0.55 34.82
N MET C 120 -25.11 1.84 34.88
CA MET C 120 -26.03 2.87 34.41
C MET C 120 -26.33 2.69 32.92
N LEU C 121 -25.30 2.35 32.14
CA LEU C 121 -25.49 2.16 30.72
C LEU C 121 -26.32 0.92 30.43
N VAL C 122 -26.08 -0.16 31.19
CA VAL C 122 -26.91 -1.36 31.07
C VAL C 122 -28.37 -1.02 31.36
N ASP C 123 -28.62 -0.32 32.47
CA ASP C 123 -29.99 0.01 32.83
C ASP C 123 -30.62 1.00 31.87
N SER C 124 -29.81 1.69 31.07
CA SER C 124 -30.38 2.57 30.06
C SER C 124 -30.67 1.83 28.77
N CYS C 125 -29.84 0.85 28.41
CA CYS C 125 -30.21 -0.07 27.33
C CYS C 125 -31.53 -0.76 27.66
N LEU C 126 -31.66 -1.22 28.91
CA LEU C 126 -32.91 -1.87 29.33
C LEU C 126 -34.09 -0.90 29.26
N ASN C 127 -33.89 0.34 29.70
CA ASN C 127 -34.95 1.33 29.61
C ASN C 127 -35.33 1.57 28.15
N HIS C 128 -34.35 1.56 27.24
CA HIS C 128 -34.63 1.81 25.83
C HIS C 128 -35.43 0.66 25.23
N TYR C 129 -35.10 -0.58 25.60
CA TYR C 129 -35.90 -1.71 25.14
C TYR C 129 -37.32 -1.62 25.70
N ALA C 130 -37.46 -1.22 26.97
CA ALA C 130 -38.79 -1.00 27.53
C ALA C 130 -39.55 0.04 26.72
N ASN C 131 -38.86 1.09 26.28
CA ASN C 131 -39.51 2.14 25.49
C ASN C 131 -39.95 1.59 24.14
N LEU C 132 -39.13 0.71 23.56
CA LEU C 132 -39.53 0.01 22.34
C LEU C 132 -40.81 -0.77 22.57
N PHE C 133 -40.88 -1.51 23.67
CA PHE C 133 -42.08 -2.31 23.93
C PHE C 133 -43.30 -1.44 24.14
N ARG C 134 -43.16 -0.29 24.80
CA ARG C 134 -44.33 0.58 24.95
C ARG C 134 -44.80 1.05 23.57
N MET C 135 -43.86 1.47 22.72
CA MET C 135 -44.25 1.94 21.40
C MET C 135 -44.86 0.82 20.57
N LYS C 136 -44.37 -0.41 20.74
CA LYS C 136 -44.98 -1.54 20.06
C LYS C 136 -46.40 -1.78 20.55
N ALA C 137 -46.65 -1.61 21.85
CA ALA C 137 -48.01 -1.75 22.35
C ALA C 137 -48.92 -0.68 21.76
N ASP C 138 -48.38 0.54 21.60
CA ASP C 138 -49.14 1.62 20.98
C ASP C 138 -49.47 1.27 19.54
N ALA C 139 -48.51 0.68 18.83
CA ALA C 139 -48.78 0.28 17.45
C ALA C 139 -49.80 -0.85 17.41
N ALA C 140 -49.73 -1.76 18.39
CA ALA C 140 -50.67 -2.88 18.47
C ALA C 140 -52.10 -2.42 18.68
N LYS C 141 -52.31 -1.34 19.44
CA LYS C 141 -53.68 -0.86 19.57
C LYS C 141 -54.16 -0.25 18.25
N ALA C 142 -53.28 0.45 17.54
CA ALA C 142 -53.68 1.10 16.29
C ALA C 142 -53.90 0.09 15.17
N ASP C 143 -52.97 -0.86 15.01
CA ASP C 143 -53.07 -1.82 13.89
C ASP C 143 -52.24 -3.05 14.24
N VAL C 144 -52.87 -4.04 14.88
CA VAL C 144 -52.17 -5.26 15.26
C VAL C 144 -51.65 -5.99 14.02
N PHE C 145 -52.42 -5.95 12.92
CA PHE C 145 -52.04 -6.63 11.69
C PHE C 145 -50.73 -6.11 11.15
N PHE C 146 -50.51 -4.80 11.28
CA PHE C 146 -49.27 -4.20 10.83
C PHE C 146 -48.08 -4.80 11.59
N LEU C 147 -48.21 -4.89 12.91
CA LEU C 147 -47.14 -5.49 13.71
C LEU C 147 -46.85 -6.93 13.30
N MET C 148 -47.89 -7.76 13.14
CA MET C 148 -47.60 -9.13 12.70
C MET C 148 -47.02 -9.17 11.28
N SER C 149 -47.34 -8.18 10.43
CA SER C 149 -46.84 -8.27 9.06
C SER C 149 -45.33 -8.12 8.99
N GLY C 150 -44.71 -7.48 9.99
CA GLY C 150 -43.29 -7.23 10.01
C GLY C 150 -42.71 -6.34 8.94
N MET C 151 -43.53 -5.63 8.17
CA MET C 151 -42.96 -4.86 7.06
C MET C 151 -42.29 -3.57 7.55
N TRP C 152 -42.45 -3.23 8.82
CA TRP C 152 -41.71 -2.13 9.45
C TRP C 152 -40.30 -2.52 9.85
N ARG C 153 -39.95 -3.81 9.77
CA ARG C 153 -38.58 -4.27 9.97
C ARG C 153 -37.93 -4.53 8.62
N THR C 154 -36.63 -4.82 8.66
CA THR C 154 -35.90 -5.06 7.43
C THR C 154 -36.14 -6.48 6.94
N SER C 155 -35.81 -6.72 5.67
CA SER C 155 -36.22 -7.96 5.01
C SER C 155 -35.66 -9.20 5.71
N THR C 156 -34.37 -9.19 6.05
CA THR C 156 -33.79 -10.39 6.65
C THR C 156 -34.32 -10.65 8.05
N GLU C 157 -34.63 -9.60 8.81
CA GLU C 157 -35.20 -9.79 10.15
C GLU C 157 -36.56 -10.46 10.10
N ARG C 158 -37.31 -10.29 9.00
CA ARG C 158 -38.63 -10.89 8.91
C ARG C 158 -38.55 -12.42 8.87
N PHE C 159 -37.39 -12.98 8.51
CA PHE C 159 -37.20 -14.42 8.50
C PHE C 159 -37.20 -15.03 9.89
N PHE C 160 -37.11 -14.19 10.93
CA PHE C 160 -36.99 -14.66 12.31
C PHE C 160 -38.11 -14.16 13.20
N GLN C 161 -39.04 -13.38 12.68
CA GLN C 161 -40.05 -12.74 13.52
C GLN C 161 -41.00 -13.77 14.12
N TRP C 162 -41.51 -13.45 15.30
CA TRP C 162 -42.50 -14.28 16.00
C TRP C 162 -43.42 -13.35 16.77
N ILE C 163 -44.70 -13.36 16.40
CA ILE C 163 -45.74 -12.53 17.02
C ILE C 163 -45.22 -11.12 17.24
N GLY C 164 -44.87 -10.43 16.15
CA GLY C 164 -44.55 -9.02 16.22
C GLY C 164 -43.16 -8.70 16.71
N GLY C 165 -42.27 -9.68 16.81
CA GLY C 165 -40.91 -9.40 17.16
C GLY C 165 -40.04 -10.63 17.05
N PHE C 166 -38.87 -10.55 17.70
CA PHE C 166 -37.93 -11.66 17.66
C PHE C 166 -38.26 -12.72 18.70
N ARG C 167 -37.68 -13.90 18.50
CA ARG C 167 -37.87 -15.02 19.40
C ARG C 167 -36.82 -14.95 20.50
N PRO C 168 -37.21 -14.76 21.77
CA PRO C 168 -36.19 -14.59 22.83
C PRO C 168 -35.22 -15.75 22.95
N SER C 169 -35.67 -16.99 22.76
CA SER C 169 -34.74 -18.12 22.90
C SER C 169 -33.62 -18.06 21.86
N GLU C 170 -33.92 -17.55 20.67
CA GLU C 170 -32.88 -17.46 19.65
C GLU C 170 -31.92 -16.31 19.94
N LEU C 171 -32.42 -15.17 20.43
CA LEU C 171 -31.51 -14.10 20.80
C LEU C 171 -30.63 -14.51 21.98
N LEU C 172 -31.17 -15.31 22.89
CA LEU C 172 -30.37 -15.84 23.99
C LEU C 172 -29.26 -16.75 23.47
N ASN C 173 -29.58 -17.61 22.51
CA ASN C 173 -28.53 -18.44 21.92
C ASN C 173 -27.50 -17.59 21.19
N VAL C 174 -27.97 -16.54 20.51
CA VAL C 174 -27.07 -15.66 19.77
C VAL C 174 -26.07 -14.99 20.70
N VAL C 175 -26.55 -14.47 21.84
CA VAL C 175 -25.68 -13.69 22.72
C VAL C 175 -24.94 -14.54 23.73
N MET C 176 -25.31 -15.81 23.93
CA MET C 176 -24.67 -16.60 24.98
C MET C 176 -23.15 -16.68 24.82
N PRO C 177 -22.58 -16.88 23.63
CA PRO C 177 -21.11 -16.99 23.56
C PRO C 177 -20.38 -15.75 24.01
N TYR C 178 -21.04 -14.59 24.03
CA TYR C 178 -20.37 -13.33 24.33
C TYR C 178 -20.46 -12.95 25.80
N VAL C 179 -21.46 -13.45 26.53
CA VAL C 179 -21.54 -13.25 27.96
C VAL C 179 -20.67 -14.28 28.65
N GLU C 180 -19.90 -15.03 27.87
CA GLU C 180 -19.01 -16.00 28.45
C GLU C 180 -17.83 -15.26 29.09
N PRO C 181 -17.23 -15.79 30.16
CA PRO C 181 -17.46 -17.05 30.89
C PRO C 181 -18.62 -16.93 31.87
N LEU C 182 -19.45 -17.97 31.96
CA LEU C 182 -20.55 -18.02 32.92
C LEU C 182 -20.16 -18.93 34.08
N THR C 183 -20.60 -18.56 35.28
CA THR C 183 -20.46 -19.45 36.42
C THR C 183 -21.46 -20.60 36.31
N ASP C 184 -21.26 -21.63 37.14
CA ASP C 184 -22.20 -22.74 37.18
C ASP C 184 -23.60 -22.28 37.56
N GLN C 185 -23.72 -21.42 38.57
CA GLN C 185 -25.03 -20.91 38.97
C GLN C 185 -25.66 -20.08 37.86
N GLN C 186 -24.88 -19.19 37.25
CA GLN C 186 -25.39 -18.37 36.16
C GLN C 186 -25.77 -19.25 34.98
N LEU C 187 -24.97 -20.28 34.69
CA LEU C 187 -25.29 -21.19 33.60
C LEU C 187 -26.61 -21.90 33.85
N LEU C 188 -26.82 -22.40 35.07
CA LEU C 188 -28.10 -23.03 35.39
C LEU C 188 -29.25 -22.05 35.25
N GLU C 189 -29.06 -20.82 35.73
CA GLU C 189 -30.14 -19.83 35.64
C GLU C 189 -30.46 -19.48 34.19
N VAL C 190 -29.44 -19.35 33.34
CA VAL C 190 -29.70 -18.99 31.95
C VAL C 190 -30.40 -20.13 31.22
N ARG C 191 -29.96 -21.38 31.44
CA ARG C 191 -30.64 -22.50 30.79
C ARG C 191 -32.09 -22.62 31.27
N ASN C 192 -32.34 -22.36 32.57
CA ASN C 192 -33.71 -22.36 33.05
C ASN C 192 -34.53 -21.28 32.37
N LEU C 193 -33.96 -20.08 32.23
CA LEU C 193 -34.66 -19.00 31.53
C LEU C 193 -34.95 -19.39 30.08
N GLN C 194 -33.99 -20.04 29.42
CA GLN C 194 -34.20 -20.46 28.04
C GLN C 194 -35.32 -21.48 27.93
N GLN C 195 -35.36 -22.46 28.85
CA GLN C 195 -36.42 -23.45 28.81
C GLN C 195 -37.78 -22.80 29.04
N SER C 196 -37.88 -21.89 30.01
CA SER C 196 -39.16 -21.26 30.28
C SER C 196 -39.60 -20.38 29.11
N SER C 197 -38.65 -19.67 28.50
CA SER C 197 -38.97 -18.87 27.31
C SER C 197 -39.45 -19.75 26.17
N GLN C 198 -38.80 -20.89 25.95
CA GLN C 198 -39.23 -21.81 24.90
C GLN C 198 -40.63 -22.33 25.16
N GLN C 199 -40.94 -22.69 26.40
CA GLN C 199 -42.27 -23.21 26.70
C GLN C 199 -43.33 -22.13 26.50
N ALA C 200 -43.03 -20.90 26.92
CA ALA C 200 -43.99 -19.81 26.71
C ALA C 200 -44.17 -19.53 25.23
N GLU C 201 -43.09 -19.59 24.45
CA GLU C 201 -43.21 -19.38 23.01
C GLU C 201 -44.08 -20.44 22.37
N GLU C 202 -43.90 -21.70 22.75
CA GLU C 202 -44.71 -22.77 22.18
C GLU C 202 -46.18 -22.58 22.55
N ALA C 203 -46.45 -22.21 23.80
CA ALA C 203 -47.84 -22.03 24.21
C ALA C 203 -48.50 -20.86 23.49
N LEU C 204 -47.76 -19.76 23.33
CA LEU C 204 -48.29 -18.62 22.59
C LEU C 204 -48.51 -18.96 21.13
N SER C 205 -47.58 -19.70 20.52
CA SER C 205 -47.75 -20.11 19.13
C SER C 205 -49.00 -20.98 18.95
N GLN C 206 -49.21 -21.94 19.86
CA GLN C 206 -50.41 -22.76 19.76
C GLN C 206 -51.68 -21.93 19.94
N GLY C 207 -51.68 -21.02 20.91
CA GLY C 207 -52.83 -20.16 21.10
C GLY C 207 -53.12 -19.30 19.89
N LEU C 208 -52.06 -18.74 19.27
CA LEU C 208 -52.24 -17.94 18.07
C LEU C 208 -52.77 -18.77 16.90
N ASP C 209 -52.26 -20.00 16.74
CA ASP C 209 -52.78 -20.87 15.69
C ASP C 209 -54.26 -21.15 15.89
N LYS C 210 -54.67 -21.42 17.13
CA LYS C 210 -56.07 -21.69 17.40
C LYS C 210 -56.92 -20.45 17.14
N LEU C 211 -56.43 -19.28 17.57
CA LEU C 211 -57.13 -18.03 17.29
C LEU C 211 -57.30 -17.83 15.78
N GLN C 212 -56.23 -18.06 15.01
CA GLN C 212 -56.29 -17.80 13.58
C GLN C 212 -57.23 -18.76 12.87
N GLN C 213 -57.27 -20.02 13.30
CA GLN C 213 -58.26 -20.95 12.74
C GLN C 213 -59.68 -20.51 13.07
N GLY C 214 -59.90 -20.08 14.32
CA GLY C 214 -61.21 -19.54 14.67
C GLY C 214 -61.56 -18.30 13.87
N LEU C 215 -60.55 -17.48 13.53
CA LEU C 215 -60.78 -16.31 12.69
C LEU C 215 -61.17 -16.71 11.28
N VAL C 216 -60.51 -17.72 10.71
CA VAL C 216 -60.91 -18.24 9.41
C VAL C 216 -62.38 -18.67 9.45
N GLU C 217 -62.74 -19.46 10.46
CA GLU C 217 -64.10 -20.00 10.52
C GLU C 217 -65.12 -18.89 10.73
N SER C 218 -64.83 -17.93 11.60
CA SER C 218 -65.79 -16.87 11.89
C SER C 218 -65.94 -15.90 10.73
N ILE C 219 -64.83 -15.59 10.06
CA ILE C 219 -64.89 -14.75 8.85
C ILE C 219 -65.72 -15.43 7.77
N ALA C 220 -65.55 -16.74 7.59
CA ALA C 220 -66.31 -17.45 6.56
C ALA C 220 -67.82 -17.31 6.73
N ILE C 221 -68.29 -16.74 7.84
CA ILE C 221 -69.72 -16.64 8.11
C ILE C 221 -70.31 -15.32 7.62
N GLN C 222 -69.68 -14.19 7.96
CA GLN C 222 -70.30 -12.90 7.68
C GLN C 222 -70.49 -12.67 6.18
N ILE C 223 -69.56 -13.15 5.36
CA ILE C 223 -69.66 -12.93 3.92
C ILE C 223 -70.86 -13.67 3.31
N LYS C 224 -71.15 -14.88 3.81
CA LYS C 224 -72.30 -15.60 3.27
C LYS C 224 -73.63 -14.93 3.67
N VAL C 225 -73.72 -14.46 4.91
CA VAL C 225 -74.96 -13.88 5.41
C VAL C 225 -75.05 -12.42 4.99
N VAL C 226 -76.25 -11.98 4.61
CA VAL C 226 -76.47 -10.59 4.23
C VAL C 226 -76.53 -9.70 5.47
N GLY C 232 -75.12 -7.09 14.88
CA GLY C 232 -75.06 -7.33 16.31
C GLY C 232 -73.96 -8.28 16.72
N ALA C 233 -73.95 -9.46 16.11
CA ALA C 233 -72.94 -10.48 16.39
C ALA C 233 -71.65 -10.24 15.59
N PRO C 234 -71.71 -9.88 14.30
CA PRO C 234 -70.44 -9.72 13.56
C PRO C 234 -69.51 -8.67 14.15
N MET C 235 -70.04 -7.51 14.54
CA MET C 235 -69.18 -6.48 15.14
C MET C 235 -68.62 -6.93 16.49
N ALA C 236 -69.45 -7.54 17.33
CA ALA C 236 -68.96 -8.00 18.63
C ALA C 236 -67.87 -9.05 18.46
N SER C 237 -68.04 -9.96 17.50
CA SER C 237 -67.03 -10.98 17.25
C SER C 237 -65.74 -10.33 16.71
N ALA C 238 -65.88 -9.36 15.81
CA ALA C 238 -64.71 -8.64 15.31
C ALA C 238 -63.94 -7.99 16.44
N MET C 239 -64.65 -7.32 17.36
CA MET C 239 -63.97 -6.62 18.45
C MET C 239 -63.32 -7.59 19.41
N GLU C 240 -64.02 -8.68 19.76
CA GLU C 240 -63.43 -9.69 20.63
C GLU C 240 -62.18 -10.30 20.00
N ASN C 241 -62.22 -10.55 18.70
CA ASN C 241 -61.07 -11.16 18.03
C ASN C 241 -59.90 -10.19 17.92
N LEU C 242 -60.20 -8.91 17.70
CA LEU C 242 -59.13 -7.91 17.71
C LEU C 242 -58.51 -7.82 19.09
N GLN C 243 -59.33 -7.91 20.13
CA GLN C 243 -58.81 -7.91 21.50
C GLN C 243 -57.94 -9.12 21.74
N ALA C 244 -58.32 -10.27 21.19
CA ALA C 244 -57.52 -11.48 21.36
C ALA C 244 -56.17 -11.35 20.66
N LEU C 245 -56.16 -10.81 19.44
CA LEU C 245 -54.91 -10.62 18.72
C LEU C 245 -53.98 -9.63 19.44
N GLU C 246 -54.54 -8.49 19.89
CA GLU C 246 -53.72 -7.54 20.63
C GLU C 246 -53.21 -8.16 21.92
N SER C 247 -54.03 -9.00 22.56
CA SER C 247 -53.60 -9.67 23.79
C SER C 247 -52.43 -10.60 23.52
N PHE C 248 -52.48 -11.33 22.40
CA PHE C 248 -51.35 -12.20 22.06
C PHE C 248 -50.08 -11.39 21.80
N VAL C 249 -50.21 -10.23 21.13
CA VAL C 249 -49.04 -9.39 20.92
C VAL C 249 -48.50 -8.86 22.26
N ASN C 250 -49.42 -8.48 23.16
CA ASN C 250 -49.02 -7.99 24.47
C ASN C 250 -48.30 -9.07 25.26
N GLN C 251 -48.77 -10.32 25.14
CA GLN C 251 -48.13 -11.41 25.88
C GLN C 251 -46.75 -11.72 25.30
N ALA C 252 -46.60 -11.61 23.97
CA ALA C 252 -45.29 -11.85 23.39
C ALA C 252 -44.31 -10.76 23.79
N ASP C 253 -44.77 -9.50 23.82
CA ASP C 253 -43.92 -8.41 24.29
C ASP C 253 -43.56 -8.59 25.76
N HIS C 254 -44.53 -9.07 26.55
CA HIS C 254 -44.27 -9.35 27.96
C HIS C 254 -43.21 -10.43 28.11
N LEU C 255 -43.27 -11.47 27.28
CA LEU C 255 -42.29 -12.53 27.36
C LEU C 255 -40.90 -12.03 27.00
N ARG C 256 -40.79 -11.21 25.95
CA ARG C 256 -39.47 -10.66 25.60
C ARG C 256 -38.93 -9.79 26.74
N GLN C 257 -39.77 -8.93 27.30
CA GLN C 257 -39.30 -8.04 28.37
C GLN C 257 -38.91 -8.84 29.62
N GLN C 258 -39.68 -9.88 29.96
CA GLN C 258 -39.34 -10.71 31.11
C GLN C 258 -38.01 -11.42 30.88
N THR C 259 -37.80 -11.99 29.69
CA THR C 259 -36.55 -12.68 29.42
C THR C 259 -35.37 -11.73 29.47
N LEU C 260 -35.53 -10.53 28.89
CA LEU C 260 -34.48 -9.53 28.95
C LEU C 260 -34.14 -9.15 30.39
N GLN C 261 -35.16 -8.84 31.20
CA GLN C 261 -34.90 -8.39 32.56
C GLN C 261 -34.30 -9.50 33.42
N GLN C 262 -34.69 -10.76 33.16
CA GLN C 262 -34.12 -11.84 33.96
C GLN C 262 -32.69 -12.15 33.52
N MET C 263 -32.38 -12.02 32.23
CA MET C 263 -30.98 -12.10 31.82
C MET C 263 -30.17 -10.97 32.45
N SER C 264 -30.75 -9.77 32.51
CA SER C 264 -30.05 -8.64 33.11
C SER C 264 -29.87 -8.81 34.62
N LYS C 265 -30.69 -9.65 35.26
CA LYS C 265 -30.52 -9.90 36.69
C LYS C 265 -29.60 -11.07 36.98
N ILE C 266 -29.53 -12.07 36.10
CA ILE C 266 -28.64 -13.19 36.32
C ILE C 266 -27.18 -12.76 36.25
N LEU C 267 -26.87 -11.88 35.29
CA LEU C 267 -25.50 -11.56 34.93
C LEU C 267 -24.98 -10.35 35.70
N THR C 268 -23.66 -10.30 35.88
CA THR C 268 -23.02 -9.12 36.42
C THR C 268 -23.14 -7.95 35.43
N THR C 269 -22.78 -6.76 35.93
CA THR C 269 -22.81 -5.55 35.09
C THR C 269 -21.94 -5.69 33.85
N ARG C 270 -20.68 -6.12 34.02
CA ARG C 270 -19.79 -6.26 32.88
C ARG C 270 -20.31 -7.29 31.89
N GLN C 271 -20.63 -8.49 32.39
CA GLN C 271 -21.15 -9.56 31.56
C GLN C 271 -22.42 -9.15 30.82
N ALA C 272 -23.35 -8.49 31.53
CA ALA C 272 -24.56 -7.99 30.90
C ALA C 272 -24.24 -6.96 29.83
N ALA C 273 -23.30 -6.07 30.10
CA ALA C 273 -22.91 -5.08 29.10
C ALA C 273 -22.38 -5.76 27.84
N ARG C 274 -21.55 -6.79 28.00
CA ARG C 274 -21.03 -7.51 26.84
C ARG C 274 -22.18 -8.15 26.06
N GLY C 275 -23.15 -8.71 26.77
CA GLY C 275 -24.29 -9.31 26.08
C GLY C 275 -25.13 -8.30 25.33
N LEU C 276 -25.38 -7.13 25.93
CA LEU C 276 -26.14 -6.11 25.23
C LEU C 276 -25.38 -5.58 24.02
N LEU C 277 -24.06 -5.45 24.13
CA LEU C 277 -23.25 -5.04 22.99
C LEU C 277 -23.36 -6.05 21.86
N ALA C 278 -23.27 -7.34 22.20
CA ALA C 278 -23.39 -8.38 21.18
C ALA C 278 -24.74 -8.34 20.50
N LEU C 279 -25.81 -8.21 21.30
CA LEU C 279 -27.16 -8.13 20.73
C LEU C 279 -27.31 -6.94 19.79
N GLY C 280 -26.81 -5.76 20.21
CA GLY C 280 -26.90 -4.60 19.37
C GLY C 280 -26.14 -4.75 18.07
N GLU C 281 -24.95 -5.35 18.14
CA GLU C 281 -24.19 -5.57 16.92
C GLU C 281 -24.86 -6.59 16.02
N TYR C 282 -25.52 -7.59 16.62
CA TYR C 282 -26.31 -8.56 15.85
C TYR C 282 -27.39 -7.85 15.04
N PHE C 283 -28.17 -6.99 15.71
CA PHE C 283 -29.22 -6.28 14.99
C PHE C 283 -28.66 -5.37 13.91
N HIS C 284 -27.54 -4.68 14.22
CA HIS C 284 -26.95 -3.79 13.24
C HIS C 284 -26.44 -4.56 12.03
N ARG C 285 -25.84 -5.73 12.27
CA ARG C 285 -25.36 -6.56 11.17
C ARG C 285 -26.51 -7.06 10.30
N LEU C 286 -27.63 -7.41 10.93
CA LEU C 286 -28.81 -7.83 10.15
C LEU C 286 -29.30 -6.69 9.28
N ARG C 287 -29.39 -5.48 9.84
CA ARG C 287 -29.83 -4.34 9.05
C ARG C 287 -28.86 -4.04 7.91
N ALA C 288 -27.55 -4.16 8.17
CA ALA C 288 -26.56 -3.96 7.12
C ALA C 288 -26.72 -4.98 6.01
N LEU C 289 -26.98 -6.25 6.36
CA LEU C 289 -27.19 -7.26 5.34
C LEU C 289 -28.44 -6.96 4.52
N SER C 290 -29.48 -6.43 5.17
CA SER C 290 -30.68 -6.05 4.42
C SER C 290 -30.35 -4.97 3.42
N SER C 291 -29.59 -3.96 3.85
CA SER C 291 -29.21 -2.88 2.94
C SER C 291 -28.34 -3.42 1.80
N LEU C 292 -27.50 -4.41 2.07
CA LEU C 292 -26.67 -4.96 1.01
C LEU C 292 -27.49 -5.79 0.03
N TRP C 293 -28.49 -6.53 0.51
CA TRP C 293 -29.36 -7.28 -0.39
C TRP C 293 -30.36 -6.38 -1.12
N ALA C 294 -30.55 -5.15 -0.66
CA ALA C 294 -31.48 -4.22 -1.31
C ALA C 294 -30.75 -3.19 -2.16
N ALA C 295 -29.63 -3.57 -2.77
CA ALA C 295 -28.86 -2.67 -3.61
C ALA C 295 -29.09 -3.00 -5.09
N ASN D 81 -40.61 3.56 -1.96
CA ASN D 81 -40.25 3.04 -3.27
C ASN D 81 -41.23 3.56 -4.33
N SER D 82 -40.67 4.12 -5.41
CA SER D 82 -41.51 4.62 -6.49
C SER D 82 -42.28 3.49 -7.17
N GLY D 83 -41.64 2.32 -7.30
CA GLY D 83 -42.31 1.18 -7.91
C GLY D 83 -43.55 0.75 -7.14
N ILE D 84 -43.47 0.77 -5.81
CA ILE D 84 -44.60 0.35 -4.99
C ILE D 84 -45.71 1.40 -5.04
N ALA D 85 -45.35 2.69 -5.06
CA ALA D 85 -46.37 3.72 -5.24
C ALA D 85 -47.08 3.57 -6.58
N ALA D 86 -46.33 3.33 -7.66
CA ALA D 86 -46.94 3.12 -8.96
C ALA D 86 -47.85 1.89 -8.92
N PHE D 87 -47.41 0.84 -8.24
CA PHE D 87 -48.22 -0.36 -8.11
C PHE D 87 -49.52 -0.05 -7.38
N GLU D 88 -49.44 0.75 -6.30
CA GLU D 88 -50.64 1.03 -5.51
C GLU D 88 -51.66 1.86 -6.30
N MET D 89 -51.21 2.85 -7.07
CA MET D 89 -52.15 3.57 -7.94
C MET D 89 -52.72 2.66 -9.03
N GLU D 90 -51.88 1.86 -9.68
CA GLU D 90 -52.37 0.94 -10.70
C GLU D 90 -53.38 -0.02 -10.09
N TYR D 91 -53.13 -0.47 -8.86
CA TYR D 91 -54.01 -1.40 -8.17
C TYR D 91 -55.34 -0.75 -7.80
N THR D 92 -55.31 0.52 -7.38
CA THR D 92 -56.54 1.25 -7.16
C THR D 92 -57.39 1.29 -8.44
N HIS D 93 -56.76 1.63 -9.56
CA HIS D 93 -57.50 1.66 -10.82
C HIS D 93 -57.96 0.27 -11.24
N TRP D 94 -57.16 -0.76 -10.95
CA TRP D 94 -57.57 -2.13 -11.23
C TRP D 94 -58.81 -2.50 -10.44
N LEU D 95 -58.86 -2.11 -9.17
CA LEU D 95 -60.04 -2.39 -8.35
C LEU D 95 -61.26 -1.66 -8.89
N GLU D 96 -61.08 -0.41 -9.31
CA GLU D 96 -62.19 0.34 -9.90
C GLU D 96 -62.71 -0.35 -11.16
N GLU D 97 -61.80 -0.82 -12.02
CA GLU D 97 -62.23 -1.47 -13.25
C GLU D 97 -62.86 -2.83 -12.96
N GLN D 98 -62.35 -3.54 -11.95
CA GLN D 98 -62.98 -4.79 -11.53
C GLN D 98 -64.41 -4.54 -11.09
N ASN D 99 -64.62 -3.51 -10.26
CA ASN D 99 -65.97 -3.16 -9.85
C ASN D 99 -66.86 -2.85 -11.04
N ARG D 100 -66.33 -2.13 -12.03
CA ARG D 100 -67.11 -1.80 -13.21
C ARG D 100 -67.49 -3.07 -13.97
N ARG D 101 -66.53 -3.98 -14.15
CA ARG D 101 -66.80 -5.19 -14.92
C ARG D 101 -67.78 -6.10 -14.17
N VAL D 102 -67.71 -6.12 -12.85
CA VAL D 102 -68.67 -6.90 -12.07
C VAL D 102 -70.07 -6.31 -12.21
N SER D 103 -70.20 -4.98 -12.15
CA SER D 103 -71.51 -4.37 -12.35
C SER D 103 -72.03 -4.68 -13.75
N GLU D 104 -71.16 -4.63 -14.76
CA GLU D 104 -71.59 -4.91 -16.13
C GLU D 104 -72.04 -6.35 -16.29
N ILE D 105 -71.32 -7.30 -15.67
CA ILE D 105 -71.70 -8.70 -15.81
C ILE D 105 -72.97 -8.99 -15.01
N ARG D 106 -73.16 -8.31 -13.88
CA ARG D 106 -74.41 -8.41 -13.15
C ARG D 106 -75.58 -7.96 -14.03
N THR D 107 -75.44 -6.79 -14.66
CA THR D 107 -76.49 -6.28 -15.53
C THR D 107 -76.75 -7.24 -16.70
N ALA D 108 -75.69 -7.84 -17.24
CA ALA D 108 -75.86 -8.75 -18.37
C ALA D 108 -76.59 -10.02 -17.94
N LEU D 109 -76.22 -10.57 -16.78
CA LEU D 109 -76.90 -11.76 -16.29
C LEU D 109 -78.37 -11.49 -15.98
N GLN D 110 -78.66 -10.33 -15.37
CA GLN D 110 -80.04 -10.03 -15.02
C GLN D 110 -80.89 -9.72 -16.25
N ALA D 111 -80.29 -9.13 -17.28
CA ALA D 111 -81.03 -8.85 -18.52
C ALA D 111 -81.11 -10.04 -19.46
N HIS D 112 -80.51 -11.18 -19.11
CA HIS D 112 -80.56 -12.39 -19.94
C HIS D 112 -80.10 -12.10 -21.37
N ILE D 113 -78.97 -11.40 -21.48
CA ILE D 113 -78.46 -11.04 -22.80
C ILE D 113 -77.89 -12.28 -23.49
N GLY D 114 -77.72 -12.18 -24.81
CA GLY D 114 -77.32 -13.34 -25.58
C GLY D 114 -75.87 -13.75 -25.33
N ASP D 115 -75.58 -14.99 -25.74
CA ASP D 115 -74.29 -15.60 -25.45
C ASP D 115 -73.11 -14.79 -25.99
N ILE D 116 -73.28 -14.12 -27.13
CA ILE D 116 -72.15 -13.46 -27.78
C ILE D 116 -71.66 -12.28 -26.96
N GLU D 117 -72.57 -11.39 -26.56
CA GLU D 117 -72.16 -10.24 -25.74
C GLU D 117 -71.72 -10.70 -24.35
N LEU D 118 -72.41 -11.68 -23.78
CA LEU D 118 -72.00 -12.20 -22.49
C LEU D 118 -70.63 -12.85 -22.57
N LYS D 119 -70.36 -13.60 -23.66
CA LYS D 119 -69.03 -14.18 -23.84
C LYS D 119 -67.97 -13.10 -23.99
N MET D 120 -68.31 -12.00 -24.66
CA MET D 120 -67.37 -10.88 -24.75
C MET D 120 -67.07 -10.31 -23.37
N LEU D 121 -68.09 -10.20 -22.52
CA LEU D 121 -67.85 -9.68 -21.17
C LEU D 121 -67.05 -10.65 -20.33
N VAL D 122 -67.32 -11.95 -20.47
CA VAL D 122 -66.51 -12.98 -19.81
C VAL D 122 -65.04 -12.83 -20.22
N ASP D 123 -64.79 -12.69 -21.52
CA ASP D 123 -63.42 -12.59 -22.01
C ASP D 123 -62.78 -11.29 -21.53
N SER D 124 -63.56 -10.22 -21.40
CA SER D 124 -63.03 -8.98 -20.82
C SER D 124 -62.61 -9.19 -19.37
N CYS D 125 -63.43 -9.91 -18.59
CA CYS D 125 -63.06 -10.24 -17.22
C CYS D 125 -61.77 -11.06 -17.19
N LEU D 126 -61.67 -12.06 -18.06
CA LEU D 126 -60.46 -12.88 -18.12
C LEU D 126 -59.24 -12.04 -18.45
N ASN D 127 -59.39 -11.12 -19.42
CA ASN D 127 -58.30 -10.21 -19.76
C ASN D 127 -57.92 -9.35 -18.56
N HIS D 128 -58.92 -8.95 -17.77
CA HIS D 128 -58.64 -8.11 -16.61
C HIS D 128 -57.86 -8.88 -15.56
N TYR D 129 -58.21 -10.15 -15.35
CA TYR D 129 -57.42 -10.98 -14.45
C TYR D 129 -56.00 -11.16 -14.98
N ALA D 130 -55.86 -11.37 -16.30
CA ALA D 130 -54.53 -11.45 -16.90
C ALA D 130 -53.73 -10.18 -16.63
N ASN D 131 -54.40 -9.03 -16.68
CA ASN D 131 -53.75 -7.76 -16.40
C ASN D 131 -53.34 -7.68 -14.94
N LEU D 132 -54.17 -8.24 -14.05
CA LEU D 132 -53.81 -8.36 -12.64
C LEU D 132 -52.51 -9.15 -12.51
N PHE D 133 -52.42 -10.30 -13.19
CA PHE D 133 -51.20 -11.09 -13.10
C PHE D 133 -49.99 -10.35 -13.66
N ARG D 134 -50.19 -9.58 -14.73
CA ARG D 134 -49.08 -8.80 -15.28
C ARG D 134 -48.58 -7.77 -14.27
N MET D 135 -49.50 -7.02 -13.65
CA MET D 135 -49.07 -6.00 -12.70
C MET D 135 -48.47 -6.66 -11.46
N LYS D 136 -48.98 -7.83 -11.07
CA LYS D 136 -48.41 -8.54 -9.93
C LYS D 136 -46.98 -9.01 -10.24
N ALA D 137 -46.75 -9.45 -11.48
CA ALA D 137 -45.40 -9.85 -11.87
C ALA D 137 -44.46 -8.67 -11.88
N ASP D 138 -44.95 -7.51 -12.34
CA ASP D 138 -44.11 -6.30 -12.33
C ASP D 138 -43.81 -5.86 -10.90
N ALA D 139 -44.81 -5.89 -10.01
CA ALA D 139 -44.59 -5.48 -8.63
C ALA D 139 -43.67 -6.44 -7.88
N ALA D 140 -43.76 -7.74 -8.19
CA ALA D 140 -42.88 -8.72 -7.55
C ALA D 140 -41.41 -8.44 -7.83
N LYS D 141 -41.10 -7.88 -9.00
CA LYS D 141 -39.71 -7.55 -9.31
C LYS D 141 -39.20 -6.42 -8.42
N ALA D 142 -40.07 -5.44 -8.09
CA ALA D 142 -39.63 -4.31 -7.30
C ALA D 142 -39.34 -4.71 -5.86
N ASP D 143 -40.24 -5.49 -5.25
CA ASP D 143 -40.06 -5.87 -3.84
C ASP D 143 -40.91 -7.13 -3.60
N VAL D 144 -40.28 -8.30 -3.81
CA VAL D 144 -40.97 -9.56 -3.63
C VAL D 144 -41.46 -9.72 -2.19
N PHE D 145 -40.65 -9.26 -1.23
CA PHE D 145 -40.99 -9.40 0.19
C PHE D 145 -42.27 -8.64 0.52
N PHE D 146 -42.42 -7.44 -0.03
CA PHE D 146 -43.63 -6.66 0.25
C PHE D 146 -44.85 -7.36 -0.33
N LEU D 147 -44.68 -8.11 -1.41
CA LEU D 147 -45.79 -8.82 -2.02
C LEU D 147 -46.15 -10.08 -1.24
N MET D 148 -45.15 -10.71 -0.62
CA MET D 148 -45.46 -11.91 0.16
C MET D 148 -46.16 -11.58 1.46
N SER D 149 -45.93 -10.40 2.01
CA SER D 149 -46.56 -10.01 3.26
C SER D 149 -48.07 -9.83 3.08
N GLY D 150 -48.49 -9.32 1.92
CA GLY D 150 -49.89 -9.11 1.65
C GLY D 150 -50.47 -7.81 2.18
N MET D 151 -49.62 -6.86 2.58
CA MET D 151 -50.08 -5.59 3.12
C MET D 151 -50.81 -4.76 2.06
N TRP D 152 -50.71 -5.15 0.79
CA TRP D 152 -51.36 -4.44 -0.32
C TRP D 152 -52.82 -4.81 -0.48
N ARG D 153 -53.28 -5.89 0.14
CA ARG D 153 -54.65 -6.35 0.06
C ARG D 153 -55.43 -5.78 1.24
N THR D 154 -56.68 -6.21 1.38
CA THR D 154 -57.52 -5.77 2.48
C THR D 154 -57.20 -6.57 3.73
N SER D 155 -57.77 -6.13 4.86
CA SER D 155 -57.53 -6.80 6.13
C SER D 155 -58.11 -8.21 6.17
N THR D 156 -59.32 -8.40 5.63
CA THR D 156 -59.93 -9.73 5.64
C THR D 156 -59.28 -10.69 4.66
N GLU D 157 -58.82 -10.21 3.50
CA GLU D 157 -58.16 -11.11 2.55
C GLU D 157 -56.86 -11.70 3.10
N ARG D 158 -56.18 -11.01 4.03
CA ARG D 158 -54.93 -11.55 4.56
C ARG D 158 -55.14 -12.92 5.20
N PHE D 159 -56.32 -13.17 5.75
CA PHE D 159 -56.58 -14.46 6.38
C PHE D 159 -56.67 -15.59 5.35
N PHE D 160 -56.76 -15.25 4.08
CA PHE D 160 -56.92 -16.18 2.99
C PHE D 160 -55.80 -16.07 1.97
N GLN D 161 -55.01 -14.99 2.01
CA GLN D 161 -53.90 -14.78 1.10
C GLN D 161 -52.87 -15.89 1.24
N TRP D 162 -52.56 -16.54 0.12
CA TRP D 162 -51.52 -17.57 0.05
C TRP D 162 -50.52 -17.12 -1.01
N ILE D 163 -49.28 -16.85 -0.59
CA ILE D 163 -48.19 -16.41 -1.45
C ILE D 163 -48.72 -15.38 -2.43
N GLY D 164 -49.18 -14.25 -1.90
CA GLY D 164 -49.52 -13.12 -2.74
C GLY D 164 -50.88 -13.20 -3.40
N GLY D 165 -51.71 -14.15 -3.02
CA GLY D 165 -53.07 -14.18 -3.52
C GLY D 165 -53.91 -15.25 -2.85
N PHE D 166 -55.04 -15.55 -3.47
CA PHE D 166 -56.00 -16.52 -2.97
C PHE D 166 -55.70 -17.96 -3.41
N ARG D 167 -56.31 -18.90 -2.68
CA ARG D 167 -56.18 -20.32 -2.93
C ARG D 167 -57.25 -20.77 -3.91
N PRO D 168 -56.90 -21.26 -5.10
CA PRO D 168 -57.94 -21.58 -6.10
C PRO D 168 -58.96 -22.61 -5.65
N SER D 169 -58.56 -23.63 -4.89
CA SER D 169 -59.52 -24.64 -4.43
C SER D 169 -60.60 -24.04 -3.55
N GLU D 170 -60.24 -23.02 -2.77
CA GLU D 170 -61.24 -22.40 -1.90
C GLU D 170 -62.22 -21.56 -2.71
N LEU D 171 -61.72 -20.86 -3.74
CA LEU D 171 -62.63 -20.14 -4.61
C LEU D 171 -63.53 -21.09 -5.39
N LEU D 172 -63.01 -22.28 -5.74
CA LEU D 172 -63.86 -23.30 -6.36
C LEU D 172 -64.98 -23.73 -5.43
N ASN D 173 -64.65 -23.92 -4.14
CA ASN D 173 -65.69 -24.25 -3.18
C ASN D 173 -66.69 -23.10 -3.06
N VAL D 174 -66.18 -21.87 -3.13
CA VAL D 174 -67.04 -20.69 -3.05
C VAL D 174 -68.05 -20.68 -4.19
N VAL D 175 -67.58 -20.98 -5.40
CA VAL D 175 -68.43 -20.85 -6.59
C VAL D 175 -69.27 -22.09 -6.86
N MET D 176 -68.99 -23.19 -6.17
CA MET D 176 -69.71 -24.44 -6.44
C MET D 176 -71.23 -24.30 -6.41
N PRO D 177 -71.86 -23.64 -5.42
CA PRO D 177 -73.34 -23.60 -5.40
C PRO D 177 -73.97 -22.88 -6.58
N TYR D 178 -73.23 -22.03 -7.29
CA TYR D 178 -73.77 -21.21 -8.36
C TYR D 178 -73.66 -21.82 -9.75
N VAL D 179 -72.72 -22.75 -9.97
CA VAL D 179 -72.58 -23.38 -11.28
C VAL D 179 -73.56 -24.52 -11.56
N GLU D 180 -74.26 -25.06 -10.57
CA GLU D 180 -75.21 -26.13 -10.86
C GLU D 180 -76.34 -25.63 -11.75
N PRO D 181 -76.95 -26.51 -12.57
CA PRO D 181 -76.64 -27.94 -12.74
C PRO D 181 -75.44 -28.21 -13.64
N LEU D 182 -74.59 -29.16 -13.25
CA LEU D 182 -73.47 -29.61 -14.06
C LEU D 182 -73.76 -30.95 -14.69
N THR D 183 -73.27 -31.15 -15.91
CA THR D 183 -73.28 -32.45 -16.53
C THR D 183 -72.22 -33.35 -15.89
N ASP D 184 -72.29 -34.65 -16.22
CA ASP D 184 -71.29 -35.59 -15.74
C ASP D 184 -69.88 -35.20 -16.17
N GLN D 185 -69.74 -34.77 -17.43
CA GLN D 185 -68.42 -34.37 -17.92
C GLN D 185 -67.87 -33.16 -17.16
N GLN D 186 -68.71 -32.15 -16.90
CA GLN D 186 -68.24 -30.99 -16.15
C GLN D 186 -67.86 -31.37 -14.73
N LEU D 187 -68.64 -32.26 -14.10
CA LEU D 187 -68.32 -32.71 -12.75
C LEU D 187 -66.97 -33.44 -12.72
N LEU D 188 -66.74 -34.32 -13.69
CA LEU D 188 -65.46 -35.02 -13.76
C LEU D 188 -64.31 -34.04 -13.98
N GLU D 189 -64.50 -33.05 -14.86
CA GLU D 189 -63.44 -32.10 -15.13
C GLU D 189 -63.14 -31.27 -13.88
N VAL D 190 -64.17 -30.86 -13.15
CA VAL D 190 -63.96 -30.02 -11.97
C VAL D 190 -63.27 -30.82 -10.87
N ARG D 191 -63.71 -32.06 -10.63
CA ARG D 191 -63.05 -32.86 -9.60
C ARG D 191 -61.60 -33.19 -9.96
N ASN D 192 -61.33 -33.48 -11.23
CA ASN D 192 -59.94 -33.68 -11.66
C ASN D 192 -59.11 -32.42 -11.47
N LEU D 193 -59.66 -31.26 -11.85
CA LEU D 193 -58.94 -30.01 -11.68
C LEU D 193 -58.68 -29.72 -10.22
N GLN D 194 -59.65 -30.00 -9.35
CA GLN D 194 -59.48 -29.76 -7.92
C GLN D 194 -58.39 -30.66 -7.36
N GLN D 195 -58.37 -31.93 -7.75
CA GLN D 195 -57.32 -32.83 -7.26
C GLN D 195 -55.94 -32.37 -7.73
N SER D 196 -55.83 -32.00 -9.02
CA SER D 196 -54.53 -31.56 -9.53
C SER D 196 -54.09 -30.26 -8.88
N SER D 197 -55.03 -29.34 -8.66
CA SER D 197 -54.72 -28.09 -8.00
C SER D 197 -54.27 -28.33 -6.57
N GLN D 198 -54.93 -29.24 -5.85
CA GLN D 198 -54.51 -29.54 -4.48
C GLN D 198 -53.09 -30.13 -4.46
N GLN D 199 -52.80 -31.03 -5.40
CA GLN D 199 -51.46 -31.63 -5.42
C GLN D 199 -50.40 -30.58 -5.74
N ALA D 200 -50.70 -29.69 -6.69
CA ALA D 200 -49.75 -28.62 -7.02
C ALA D 200 -49.59 -27.66 -5.85
N GLU D 201 -50.68 -27.38 -5.14
CA GLU D 201 -50.63 -26.51 -3.97
C GLU D 201 -49.71 -27.10 -2.90
N GLU D 202 -49.87 -28.40 -2.65
CA GLU D 202 -49.05 -29.05 -1.63
C GLU D 202 -47.59 -29.07 -2.04
N ALA D 203 -47.29 -29.37 -3.31
CA ALA D 203 -45.90 -29.44 -3.73
C ALA D 203 -45.23 -28.07 -3.72
N LEU D 204 -45.93 -27.04 -4.21
CA LEU D 204 -45.37 -25.70 -4.19
C LEU D 204 -45.20 -25.18 -2.76
N SER D 205 -46.18 -25.43 -1.90
CA SER D 205 -46.05 -25.04 -0.50
C SER D 205 -44.87 -25.72 0.17
N GLN D 206 -44.66 -27.02 -0.11
CA GLN D 206 -43.50 -27.71 0.44
C GLN D 206 -42.20 -27.11 -0.06
N GLY D 207 -42.13 -26.79 -1.36
CA GLY D 207 -40.94 -26.15 -1.89
C GLY D 207 -40.67 -24.79 -1.24
N LEU D 208 -41.73 -24.00 -1.05
CA LEU D 208 -41.57 -22.71 -0.39
C LEU D 208 -41.12 -22.87 1.06
N ASP D 209 -41.69 -23.85 1.77
CA ASP D 209 -41.25 -24.11 3.14
C ASP D 209 -39.77 -24.47 3.20
N LYS D 210 -39.32 -25.30 2.26
CA LYS D 210 -37.91 -25.69 2.25
C LYS D 210 -37.02 -24.48 1.92
N LEU D 211 -37.42 -23.68 0.94
CA LEU D 211 -36.70 -22.46 0.60
C LEU D 211 -36.61 -21.53 1.81
N GLN D 212 -37.74 -21.33 2.49
CA GLN D 212 -37.83 -20.38 3.59
C GLN D 212 -36.95 -20.84 4.74
N GLN D 213 -36.98 -22.14 5.04
CA GLN D 213 -36.14 -22.68 6.10
C GLN D 213 -34.66 -22.54 5.74
N GLY D 214 -34.30 -22.79 4.48
CA GLY D 214 -32.91 -22.66 4.11
C GLY D 214 -32.39 -21.23 4.19
N LEU D 215 -33.23 -20.24 3.85
CA LEU D 215 -32.80 -18.85 4.05
C LEU D 215 -32.69 -18.51 5.53
N VAL D 216 -33.64 -18.96 6.34
CA VAL D 216 -33.53 -18.75 7.79
C VAL D 216 -32.19 -19.29 8.30
N GLU D 217 -31.90 -20.54 7.96
CA GLU D 217 -30.68 -21.17 8.47
C GLU D 217 -29.43 -20.48 7.95
N SER D 218 -29.41 -20.10 6.67
CA SER D 218 -28.21 -19.52 6.09
C SER D 218 -27.96 -18.12 6.63
N ILE D 219 -29.02 -17.33 6.82
CA ILE D 219 -28.85 -16.02 7.45
C ILE D 219 -28.36 -16.20 8.88
N ALA D 220 -28.94 -17.15 9.62
CA ALA D 220 -28.51 -17.38 11.00
C ALA D 220 -27.02 -17.73 11.05
N ILE D 221 -26.57 -18.59 10.14
CA ILE D 221 -25.17 -18.99 10.13
C ILE D 221 -24.27 -17.81 9.77
N GLN D 222 -24.65 -17.06 8.72
CA GLN D 222 -23.82 -15.96 8.26
C GLN D 222 -23.66 -14.88 9.31
N ILE D 223 -24.77 -14.49 9.95
CA ILE D 223 -24.69 -13.41 10.93
C ILE D 223 -23.97 -13.86 12.19
N LYS D 224 -24.30 -15.05 12.69
CA LYS D 224 -23.67 -15.56 13.90
C LYS D 224 -22.26 -16.08 13.62
N ALA D 233 -19.39 -17.04 -2.30
CA ALA D 233 -20.54 -17.93 -2.15
C ALA D 233 -21.79 -17.26 -1.54
N PRO D 234 -21.63 -16.41 -0.51
CA PRO D 234 -22.84 -15.80 0.08
C PRO D 234 -23.65 -14.98 -0.91
N MET D 235 -22.99 -14.18 -1.75
CA MET D 235 -23.71 -13.39 -2.74
C MET D 235 -24.40 -14.28 -3.77
N ALA D 236 -23.70 -15.32 -4.24
CA ALA D 236 -24.31 -16.23 -5.22
C ALA D 236 -25.54 -16.92 -4.62
N SER D 237 -25.45 -17.32 -3.35
CA SER D 237 -26.59 -17.95 -2.69
C SER D 237 -27.75 -16.96 -2.54
N ALA D 238 -27.44 -15.72 -2.16
CA ALA D 238 -28.46 -14.69 -2.06
C ALA D 238 -29.19 -14.49 -3.39
N MET D 239 -28.42 -14.38 -4.48
CA MET D 239 -29.02 -14.19 -5.79
C MET D 239 -29.85 -15.41 -6.19
N GLU D 240 -29.31 -16.60 -5.98
CA GLU D 240 -30.03 -17.83 -6.31
C GLU D 240 -31.37 -17.87 -5.58
N ASN D 241 -31.34 -17.68 -4.25
CA ASN D 241 -32.56 -17.69 -3.47
C ASN D 241 -33.56 -16.65 -3.95
N LEU D 242 -33.09 -15.43 -4.24
CA LEU D 242 -34.00 -14.39 -4.72
C LEU D 242 -34.67 -14.84 -6.02
N GLN D 243 -33.88 -15.36 -6.96
CA GLN D 243 -34.43 -15.84 -8.22
C GLN D 243 -35.44 -16.95 -7.99
N ALA D 244 -35.12 -17.88 -7.09
CA ALA D 244 -36.03 -18.97 -6.77
C ALA D 244 -37.36 -18.44 -6.26
N LEU D 245 -37.30 -17.48 -5.32
CA LEU D 245 -38.52 -16.90 -4.78
C LEU D 245 -39.34 -16.27 -5.89
N GLU D 246 -38.67 -15.55 -6.79
CA GLU D 246 -39.38 -14.92 -7.90
C GLU D 246 -40.05 -15.98 -8.77
N SER D 247 -39.34 -17.08 -9.05
CA SER D 247 -39.91 -18.14 -9.86
C SER D 247 -41.14 -18.75 -9.20
N PHE D 248 -41.08 -18.99 -7.88
CA PHE D 248 -42.25 -19.53 -7.19
C PHE D 248 -43.43 -18.58 -7.26
N VAL D 249 -43.17 -17.27 -7.07
CA VAL D 249 -44.28 -16.31 -7.12
C VAL D 249 -44.86 -16.25 -8.53
N ASN D 250 -44.04 -16.44 -9.56
CA ASN D 250 -44.57 -16.39 -10.91
C ASN D 250 -45.18 -17.73 -11.32
N GLN D 251 -44.86 -18.79 -10.59
CA GLN D 251 -45.36 -20.12 -10.89
C GLN D 251 -46.75 -20.30 -10.29
N ALA D 252 -46.91 -19.89 -9.03
CA ALA D 252 -48.22 -19.98 -8.40
C ALA D 252 -49.24 -19.17 -9.20
N ASP D 253 -48.83 -17.98 -9.65
CA ASP D 253 -49.69 -17.17 -10.50
C ASP D 253 -49.93 -17.84 -11.85
N HIS D 254 -48.93 -18.52 -12.41
CA HIS D 254 -49.15 -19.28 -13.64
C HIS D 254 -50.20 -20.36 -13.43
N LEU D 255 -50.16 -21.03 -12.29
CA LEU D 255 -51.13 -22.08 -11.99
C LEU D 255 -52.53 -21.49 -11.80
N ARG D 256 -52.60 -20.35 -11.11
CA ARG D 256 -53.88 -19.67 -10.93
C ARG D 256 -54.49 -19.28 -12.27
N GLN D 257 -53.67 -18.73 -13.16
CA GLN D 257 -54.18 -18.32 -14.47
C GLN D 257 -54.61 -19.54 -15.28
N GLN D 258 -53.82 -20.63 -15.21
CA GLN D 258 -54.18 -21.84 -15.93
C GLN D 258 -55.50 -22.41 -15.43
N THR D 259 -55.69 -22.47 -14.11
CA THR D 259 -56.94 -23.00 -13.58
C THR D 259 -58.12 -22.08 -13.93
N LEU D 260 -57.92 -20.76 -13.86
CA LEU D 260 -58.98 -19.82 -14.25
C LEU D 260 -59.39 -20.05 -15.70
N GLN D 261 -58.42 -20.19 -16.59
CA GLN D 261 -58.74 -20.49 -17.98
C GLN D 261 -59.43 -21.84 -18.11
N GLN D 262 -59.02 -22.81 -17.28
CA GLN D 262 -59.67 -24.12 -17.32
C GLN D 262 -61.13 -24.02 -16.92
N MET D 263 -61.46 -23.20 -15.91
CA MET D 263 -62.87 -22.96 -15.62
C MET D 263 -63.56 -22.24 -16.77
N SER D 264 -62.87 -21.31 -17.41
CA SER D 264 -63.50 -20.60 -18.52
C SER D 264 -63.74 -21.51 -19.71
N LYS D 265 -63.04 -22.65 -19.78
CA LYS D 265 -63.27 -23.63 -20.83
C LYS D 265 -64.26 -24.71 -20.43
N ILE D 266 -64.33 -25.07 -19.15
CA ILE D 266 -65.27 -26.09 -18.69
C ILE D 266 -66.71 -25.57 -18.76
N LEU D 267 -66.92 -24.32 -18.37
CA LEU D 267 -68.26 -23.80 -18.14
C LEU D 267 -68.81 -23.16 -19.39
N THR D 268 -70.13 -23.16 -19.52
CA THR D 268 -70.80 -22.39 -20.55
C THR D 268 -70.61 -20.89 -20.28
N THR D 269 -71.01 -20.09 -21.28
CA THR D 269 -70.96 -18.64 -21.14
C THR D 269 -71.76 -18.16 -19.94
N ARG D 270 -72.98 -18.70 -19.76
CA ARG D 270 -73.84 -18.27 -18.66
C ARG D 270 -73.27 -18.71 -17.31
N GLN D 271 -72.80 -19.95 -17.22
CA GLN D 271 -72.16 -20.44 -16.00
C GLN D 271 -70.91 -19.62 -15.67
N ALA D 272 -70.07 -19.36 -16.67
CA ALA D 272 -68.87 -18.57 -16.43
C ALA D 272 -69.22 -17.17 -15.95
N ALA D 273 -70.23 -16.55 -16.57
CA ALA D 273 -70.66 -15.23 -16.14
C ALA D 273 -71.14 -15.24 -14.70
N ARG D 274 -71.94 -16.23 -14.32
CA ARG D 274 -72.42 -16.33 -12.95
C ARG D 274 -71.26 -16.52 -11.98
N GLY D 275 -70.27 -17.34 -12.36
CA GLY D 275 -69.12 -17.54 -11.50
C GLY D 275 -68.30 -16.28 -11.32
N LEU D 276 -68.10 -15.52 -12.41
CA LEU D 276 -67.36 -14.27 -12.30
C LEU D 276 -68.11 -13.26 -11.45
N LEU D 277 -69.44 -13.22 -11.56
CA LEU D 277 -70.23 -12.34 -10.70
C LEU D 277 -70.06 -12.73 -9.24
N ALA D 278 -70.12 -14.04 -8.96
CA ALA D 278 -69.93 -14.51 -7.59
C ALA D 278 -68.56 -14.13 -7.06
N LEU D 279 -67.51 -14.31 -7.89
CA LEU D 279 -66.16 -13.93 -7.49
C LEU D 279 -66.06 -12.45 -7.16
N GLY D 280 -66.63 -11.61 -8.02
CA GLY D 280 -66.57 -10.17 -7.77
C GLY D 280 -67.31 -9.77 -6.51
N GLU D 281 -68.48 -10.34 -6.28
CA GLU D 281 -69.22 -10.00 -5.07
C GLU D 281 -68.52 -10.53 -3.83
N TYR D 282 -67.90 -11.71 -3.93
CA TYR D 282 -67.10 -12.24 -2.84
C TYR D 282 -65.97 -11.30 -2.47
N PHE D 283 -65.19 -10.86 -3.47
CA PHE D 283 -64.09 -9.96 -3.19
C PHE D 283 -64.59 -8.65 -2.59
N HIS D 284 -65.70 -8.13 -3.12
CA HIS D 284 -66.25 -6.88 -2.59
C HIS D 284 -66.68 -7.06 -1.14
N ARG D 285 -67.29 -8.20 -0.82
CA ARG D 285 -67.72 -8.46 0.55
C ARG D 285 -66.52 -8.56 1.49
N LEU D 286 -65.43 -9.19 1.03
CA LEU D 286 -64.23 -9.24 1.86
C LEU D 286 -63.68 -7.85 2.12
N ARG D 287 -63.63 -7.02 1.08
CA ARG D 287 -63.15 -5.64 1.27
C ARG D 287 -64.05 -4.87 2.21
N ALA D 288 -65.37 -5.05 2.10
CA ALA D 288 -66.30 -4.40 3.02
C ALA D 288 -66.07 -4.88 4.45
N LEU D 289 -65.84 -6.17 4.64
CA LEU D 289 -65.57 -6.68 5.99
C LEU D 289 -64.28 -6.11 6.53
N SER D 290 -63.27 -5.93 5.67
CA SER D 290 -62.03 -5.31 6.11
C SER D 290 -62.28 -3.88 6.55
N SER D 291 -63.09 -3.14 5.79
CA SER D 291 -63.47 -1.79 6.20
C SER D 291 -64.19 -1.79 7.54
N LEU D 292 -65.00 -2.82 7.80
CA LEU D 292 -65.65 -2.92 9.11
C LEU D 292 -64.64 -3.22 10.21
N TRP D 293 -63.62 -4.04 9.92
CA TRP D 293 -62.57 -4.32 10.89
C TRP D 293 -61.64 -3.13 11.10
N ALA D 294 -61.66 -2.16 10.18
CA ALA D 294 -60.83 -0.97 10.30
C ALA D 294 -61.59 0.26 10.77
N ALA D 295 -62.92 0.21 10.81
CA ALA D 295 -63.72 1.33 11.27
C ALA D 295 -63.71 1.42 12.79
ZN ZN E . 23.60 -4.84 29.27
ZN ZN F . 45.25 6.67 -34.90
C1 PLM G . -38.06 -6.39 19.33
O1 PLM G . -38.71 -5.44 18.83
O2 PLM G . -38.28 -7.57 18.94
C2 PLM G . -36.98 -6.12 20.38
C3 PLM G . -36.09 -7.33 20.61
C4 PLM G . -35.18 -7.12 21.82
C5 PLM G . -35.57 -8.03 22.98
C6 PLM G . -34.48 -9.04 23.28
C7 PLM G . -35.01 -10.25 24.04
C8 PLM G . -34.00 -11.40 24.05
C9 PLM G . -33.12 -11.40 25.29
CA PLM G . -31.80 -12.13 25.04
CB PLM G . -30.61 -11.18 24.90
CC PLM G . -30.06 -10.74 26.26
CD PLM G . -28.76 -9.96 26.12
CE PLM G . -28.17 -9.54 27.46
CF PLM G . -29.20 -8.83 28.33
CG PLM G . -28.62 -8.38 29.67
C1 PLM H . -55.63 -12.08 -6.43
O1 PLM H . -55.52 -11.28 -5.45
O2 PLM H . -54.61 -12.65 -6.89
C2 PLM H . -57.01 -12.36 -7.02
C3 PLM H . -57.03 -13.58 -7.95
C4 PLM H . -58.36 -13.67 -8.71
C5 PLM H . -58.40 -14.83 -9.68
C6 PLM H . -59.45 -15.89 -9.30
C7 PLM H . -59.15 -17.24 -9.94
C8 PLM H . -59.98 -18.34 -9.29
C9 PLM H . -61.28 -18.58 -10.08
CA PLM H . -62.36 -19.20 -9.21
CB PLM H . -63.41 -19.99 -10.00
CC PLM H . -63.98 -19.17 -11.15
CD PLM H . -64.89 -19.97 -12.07
CE PLM H . -65.40 -19.13 -13.23
CF PLM H . -64.26 -18.68 -14.13
CG PLM H . -64.72 -17.81 -15.29
#